data_6FPC
#
_entry.id   6FPC
#
_cell.length_a   84.900
_cell.length_b   84.900
_cell.length_c   113.272
_cell.angle_alpha   90.00
_cell.angle_beta   90.00
_cell.angle_gamma   90.00
#
_symmetry.space_group_name_H-M   'P 43'
#
loop_
_entity.id
_entity.type
_entity.pdbx_description
1 polymer 'PRO-PRO endopeptidase'
2 non-polymer 'ZINC ION'
3 non-polymer 'CADMIUM ION'
4 non-polymer 'SULFATE ION'
5 water water
#
_entity_poly.entity_id   1
_entity_poly.type   'polypeptide(L)'
_entity_poly.pdbx_seq_one_letter_code
;GQEQSILDKLVVLPSGEYNHSEAAAMKQRLEKIPTSILDALYSKGVKIKLTQGAITNEPELAYLKGVVPRGWEGTGLTWD
DVPGVSERVVAVRIGYSEKGKGHNSLNLEIHETLHAVDRLVLNEVSGTDEFINIFNKEASVKYKGDGYVSAYPTEYFAEA
ASLYLYSDATRSDLKDSMPLTYEFMAKLFAN
;
_entity_poly.pdbx_strand_id   A,B,C,D
#
# COMPACT_ATOMS: atom_id res chain seq x y z
N SER A 5 13.09 -21.22 26.19
CA SER A 5 13.01 -20.74 24.81
C SER A 5 12.37 -19.36 24.68
N ILE A 6 12.91 -18.54 23.76
CA ILE A 6 12.39 -17.22 23.39
C ILE A 6 10.93 -17.36 22.89
N LEU A 7 10.57 -18.53 22.32
CA LEU A 7 9.23 -18.77 21.80
C LEU A 7 8.11 -18.76 22.88
N ASP A 8 8.46 -19.04 24.15
CA ASP A 8 7.53 -19.01 25.27
C ASP A 8 7.02 -17.57 25.51
N LYS A 9 7.79 -16.55 25.11
CA LYS A 9 7.32 -15.16 25.26
C LYS A 9 6.96 -14.51 23.92
N LEU A 10 7.66 -14.89 22.82
CA LEU A 10 7.44 -14.38 21.46
C LEU A 10 6.12 -14.92 20.85
N VAL A 11 5.83 -16.22 21.07
CA VAL A 11 4.61 -16.83 20.56
C VAL A 11 3.48 -16.59 21.55
N VAL A 12 2.41 -15.93 21.09
CA VAL A 12 1.25 -15.65 21.93
C VAL A 12 0.10 -16.57 21.50
N LEU A 13 -0.28 -17.51 22.39
CA LEU A 13 -1.36 -18.47 22.14
C LEU A 13 -2.68 -17.82 22.54
N PRO A 14 -3.86 -18.26 22.00
CA PRO A 14 -5.12 -17.60 22.38
C PRO A 14 -5.49 -17.74 23.85
N SER A 15 -6.10 -16.69 24.42
CA SER A 15 -6.54 -16.65 25.82
C SER A 15 -7.79 -17.51 25.99
N GLY A 16 -8.51 -17.69 24.89
CA GLY A 16 -9.69 -18.55 24.81
C GLY A 16 -9.28 -19.98 24.51
N GLU A 17 -10.20 -20.78 23.97
CA GLU A 17 -9.90 -22.18 23.66
C GLU A 17 -9.21 -22.35 22.30
N TYR A 18 -8.23 -23.27 22.21
CA TYR A 18 -7.48 -23.51 20.97
C TYR A 18 -7.04 -24.96 20.82
N ASN A 19 -6.79 -25.39 19.58
CA ASN A 19 -6.30 -26.75 19.23
C ASN A 19 -4.88 -26.89 19.81
N HIS A 20 -4.76 -27.54 20.98
CA HIS A 20 -3.50 -27.69 21.71
C HIS A 20 -2.39 -28.31 20.90
N SER A 21 -2.63 -29.49 20.30
CA SER A 21 -1.58 -30.21 19.59
C SER A 21 -1.14 -29.51 18.31
N GLU A 22 -2.06 -28.86 17.58
CA GLU A 22 -1.69 -28.12 16.37
C GLU A 22 -0.88 -26.87 16.68
N ALA A 23 -1.25 -26.16 17.76
CA ALA A 23 -0.53 -24.95 18.21
C ALA A 23 0.88 -25.33 18.67
N ALA A 24 1.04 -26.46 19.35
CA ALA A 24 2.35 -26.98 19.77
C ALA A 24 3.21 -27.35 18.56
N ALA A 25 2.60 -27.99 17.53
CA ALA A 25 3.30 -28.38 16.30
C ALA A 25 3.82 -27.15 15.53
N MET A 26 3.02 -26.08 15.49
CA MET A 26 3.41 -24.82 14.84
C MET A 26 4.56 -24.18 15.61
N LYS A 27 4.44 -24.15 16.96
CA LYS A 27 5.44 -23.57 17.86
C LYS A 27 6.77 -24.29 17.65
N GLN A 28 6.72 -25.64 17.53
CA GLN A 28 7.88 -26.48 17.29
C GLN A 28 8.55 -26.16 15.94
N ARG A 29 7.74 -25.91 14.87
CA ARG A 29 8.29 -25.57 13.55
C ARG A 29 8.96 -24.19 13.56
N LEU A 30 8.50 -23.27 14.42
CA LEU A 30 9.13 -21.95 14.52
C LEU A 30 10.55 -22.03 15.12
N GLU A 31 10.87 -23.15 15.79
CA GLU A 31 12.21 -23.42 16.35
C GLU A 31 13.25 -23.61 15.24
N LYS A 32 12.82 -23.84 13.97
CA LYS A 32 13.73 -23.96 12.83
C LYS A 32 14.39 -22.58 12.53
N ILE A 33 13.76 -21.49 12.99
CA ILE A 33 14.29 -20.14 12.80
C ILE A 33 15.40 -19.95 13.87
N PRO A 34 16.64 -19.49 13.50
CA PRO A 34 17.69 -19.33 14.52
C PRO A 34 17.28 -18.47 15.71
N THR A 35 17.65 -18.91 16.93
CA THR A 35 17.33 -18.23 18.20
C THR A 35 17.71 -16.72 18.20
N SER A 36 18.90 -16.36 17.68
CA SER A 36 19.38 -14.97 17.59
C SER A 36 18.41 -14.07 16.81
N ILE A 37 17.82 -14.60 15.74
CA ILE A 37 16.84 -13.92 14.90
C ILE A 37 15.51 -13.80 15.68
N LEU A 38 15.10 -14.87 16.39
CA LEU A 38 13.87 -14.83 17.20
C LEU A 38 14.00 -13.80 18.34
N ASP A 39 15.17 -13.74 18.99
CA ASP A 39 15.50 -12.77 20.05
C ASP A 39 15.35 -11.34 19.54
N ALA A 40 15.95 -11.09 18.36
CA ALA A 40 15.91 -9.80 17.68
C ALA A 40 14.46 -9.42 17.36
N LEU A 41 13.63 -10.38 16.89
CA LEU A 41 12.22 -10.12 16.61
C LEU A 41 11.50 -9.61 17.86
N TYR A 42 11.69 -10.33 19.00
CA TYR A 42 11.08 -9.96 20.27
C TYR A 42 11.51 -8.55 20.73
N SER A 43 12.79 -8.18 20.54
CA SER A 43 13.28 -6.85 20.95
C SER A 43 12.59 -5.68 20.19
N LYS A 44 12.00 -5.94 18.99
CA LYS A 44 11.30 -4.96 18.15
C LYS A 44 9.79 -4.90 18.45
N GLY A 45 9.36 -5.56 19.51
CA GLY A 45 7.95 -5.60 19.90
C GLY A 45 7.12 -6.52 19.03
N VAL A 46 7.77 -7.43 18.29
CA VAL A 46 7.07 -8.38 17.42
C VAL A 46 6.50 -9.47 18.31
N LYS A 47 5.28 -9.89 18.00
CA LYS A 47 4.61 -11.03 18.63
C LYS A 47 4.13 -11.94 17.51
N ILE A 48 4.31 -13.24 17.69
CA ILE A 48 3.81 -14.24 16.74
C ILE A 48 2.54 -14.80 17.39
N LYS A 49 1.39 -14.35 16.90
CA LYS A 49 0.10 -14.76 17.44
C LYS A 49 -0.50 -15.90 16.62
N LEU A 50 -0.68 -17.06 17.27
CA LEU A 50 -1.32 -18.22 16.62
C LEU A 50 -2.77 -18.12 17.02
N THR A 51 -3.66 -18.00 16.04
CA THR A 51 -5.06 -17.75 16.29
C THR A 51 -5.95 -18.96 16.06
N GLN A 52 -6.98 -19.14 16.89
CA GLN A 52 -7.88 -20.25 16.67
C GLN A 52 -8.93 -19.90 15.61
N GLY A 53 -9.34 -18.64 15.52
CA GLY A 53 -10.25 -18.25 14.45
C GLY A 53 -9.58 -17.49 13.33
N ALA A 54 -10.37 -16.77 12.52
CA ALA A 54 -9.84 -15.91 11.47
C ALA A 54 -8.93 -14.88 12.11
N ILE A 55 -7.81 -14.57 11.42
CA ILE A 55 -6.82 -13.61 11.93
C ILE A 55 -7.44 -12.25 12.23
N THR A 56 -8.53 -11.90 11.51
CA THR A 56 -9.23 -10.65 11.67
C THR A 56 -10.01 -10.60 13.00
N ASN A 57 -10.16 -11.76 13.71
CA ASN A 57 -10.80 -11.79 15.04
C ASN A 57 -9.87 -11.20 16.08
N GLU A 58 -8.56 -11.07 15.77
CA GLU A 58 -7.60 -10.45 16.69
C GLU A 58 -7.91 -8.96 16.77
N PRO A 59 -8.05 -8.39 18.00
CA PRO A 59 -8.41 -6.98 18.13
C PRO A 59 -7.63 -6.00 17.25
N GLU A 60 -6.32 -6.19 17.17
CA GLU A 60 -5.47 -5.31 16.36
C GLU A 60 -5.61 -5.53 14.85
N LEU A 61 -6.29 -6.62 14.41
CA LEU A 61 -6.50 -6.86 12.97
C LEU A 61 -7.96 -6.72 12.56
N ALA A 62 -8.87 -6.44 13.54
CA ALA A 62 -10.31 -6.31 13.29
C ALA A 62 -10.61 -5.24 12.24
N TYR A 63 -9.76 -4.20 12.14
CA TYR A 63 -9.92 -3.12 11.17
C TYR A 63 -9.91 -3.61 9.69
N LEU A 64 -9.36 -4.83 9.42
CA LEU A 64 -9.29 -5.42 8.08
C LEU A 64 -10.58 -6.18 7.69
N LYS A 65 -11.50 -6.36 8.63
CA LYS A 65 -12.75 -7.07 8.36
C LYS A 65 -13.49 -6.46 7.19
N GLY A 66 -13.82 -7.30 6.22
CA GLY A 66 -14.57 -6.91 5.02
C GLY A 66 -13.81 -6.06 4.02
N VAL A 67 -12.47 -5.98 4.15
CA VAL A 67 -11.65 -5.20 3.25
C VAL A 67 -10.98 -6.16 2.24
N VAL A 68 -10.95 -5.76 0.96
CA VAL A 68 -10.36 -6.57 -0.11
C VAL A 68 -8.83 -6.45 -0.15
N PRO A 69 -8.09 -7.57 -0.02
CA PRO A 69 -6.63 -7.49 -0.14
C PRO A 69 -6.25 -6.97 -1.54
N ARG A 70 -5.16 -6.19 -1.63
CA ARG A 70 -4.76 -5.62 -2.91
C ARG A 70 -4.54 -6.66 -3.99
N GLY A 71 -5.13 -6.41 -5.16
CA GLY A 71 -5.05 -7.29 -6.33
C GLY A 71 -6.20 -8.28 -6.43
N TRP A 72 -7.14 -8.24 -5.47
CA TRP A 72 -8.20 -9.25 -5.41
C TRP A 72 -9.64 -8.70 -5.59
N GLU A 73 -9.80 -7.54 -6.23
CA GLU A 73 -11.15 -7.02 -6.50
C GLU A 73 -11.88 -7.97 -7.45
N GLY A 74 -13.18 -8.14 -7.21
CA GLY A 74 -14.08 -8.95 -8.03
C GLY A 74 -14.00 -10.45 -7.80
N THR A 75 -13.30 -10.91 -6.74
CA THR A 75 -13.14 -12.34 -6.43
C THR A 75 -13.93 -12.79 -5.20
N GLY A 76 -14.50 -11.83 -4.47
CA GLY A 76 -15.24 -12.11 -3.24
C GLY A 76 -14.33 -12.33 -2.04
N LEU A 77 -13.02 -12.19 -2.23
CA LEU A 77 -12.09 -12.37 -1.13
C LEU A 77 -11.97 -11.11 -0.27
N THR A 78 -11.90 -11.30 1.05
CA THR A 78 -11.61 -10.20 2.00
C THR A 78 -10.49 -10.71 2.90
N TRP A 79 -9.89 -9.83 3.72
CA TRP A 79 -8.84 -10.19 4.69
C TRP A 79 -9.29 -11.29 5.69
N ASP A 80 -10.60 -11.40 5.91
CA ASP A 80 -11.22 -12.42 6.76
C ASP A 80 -10.84 -13.83 6.29
N ASP A 81 -10.61 -14.00 5.00
CA ASP A 81 -10.26 -15.30 4.35
C ASP A 81 -8.77 -15.61 4.37
N VAL A 82 -7.94 -14.62 4.69
CA VAL A 82 -6.48 -14.74 4.62
C VAL A 82 -5.95 -15.43 5.89
N PRO A 83 -5.23 -16.57 5.76
CA PRO A 83 -4.83 -17.33 6.95
C PRO A 83 -3.62 -16.81 7.73
N GLY A 84 -2.87 -15.89 7.14
CA GLY A 84 -1.69 -15.34 7.82
C GLY A 84 -1.33 -13.96 7.30
N VAL A 85 -0.74 -13.12 8.14
CA VAL A 85 -0.29 -11.78 7.75
C VAL A 85 0.92 -11.37 8.60
N SER A 86 1.72 -10.41 8.11
CA SER A 86 2.90 -9.98 8.85
C SER A 86 3.03 -8.46 8.73
N GLU A 87 2.95 -7.77 9.85
CA GLU A 87 3.13 -6.33 9.88
C GLU A 87 4.06 -6.10 11.08
N ARG A 88 3.54 -5.70 12.24
CA ARG A 88 4.39 -5.59 13.43
C ARG A 88 4.04 -6.76 14.35
N VAL A 89 2.95 -7.40 14.03
CA VAL A 89 2.46 -8.63 14.62
C VAL A 89 2.51 -9.65 13.49
N VAL A 90 2.79 -10.92 13.82
CA VAL A 90 2.75 -12.00 12.82
C VAL A 90 1.54 -12.81 13.27
N ALA A 91 0.48 -12.86 12.49
CA ALA A 91 -0.72 -13.57 12.91
C ALA A 91 -0.92 -14.74 11.96
N VAL A 92 -1.04 -15.95 12.51
CA VAL A 92 -1.17 -17.19 11.71
C VAL A 92 -2.29 -18.06 12.29
N ARG A 93 -3.23 -18.49 11.47
CA ARG A 93 -4.34 -19.31 11.92
C ARG A 93 -3.89 -20.76 12.19
N ILE A 94 -4.24 -21.27 13.37
CA ILE A 94 -3.93 -22.64 13.83
C ILE A 94 -4.60 -23.65 12.91
N GLY A 95 -3.80 -24.57 12.35
CA GLY A 95 -4.28 -25.60 11.43
C GLY A 95 -4.10 -25.29 9.95
N TYR A 96 -3.62 -24.07 9.66
CA TYR A 96 -3.49 -23.60 8.27
C TYR A 96 -2.04 -23.55 7.77
N SER A 97 -1.12 -24.24 8.46
CA SER A 97 0.32 -24.21 8.10
C SER A 97 0.64 -24.71 6.69
N GLU A 98 0.06 -25.87 6.29
CA GLU A 98 0.37 -26.53 5.02
C GLU A 98 -0.13 -25.82 3.79
N LYS A 99 0.65 -25.97 2.69
CA LYS A 99 0.34 -25.48 1.35
C LYS A 99 -1.07 -25.95 0.98
N GLY A 100 -1.87 -25.04 0.46
CA GLY A 100 -3.25 -25.29 0.08
C GLY A 100 -4.27 -24.89 1.11
N LYS A 101 -3.84 -24.45 2.31
CA LYS A 101 -4.80 -24.04 3.35
C LYS A 101 -5.08 -22.53 3.25
N GLY A 102 -5.53 -22.10 2.09
CA GLY A 102 -5.81 -20.69 1.85
C GLY A 102 -4.56 -19.88 1.52
N HIS A 103 -3.45 -20.55 1.17
CA HIS A 103 -2.16 -19.95 0.77
C HIS A 103 -1.37 -21.04 0.03
N ASN A 104 -0.26 -20.65 -0.62
CA ASN A 104 0.58 -21.60 -1.36
C ASN A 104 2.02 -21.71 -0.86
N SER A 105 2.26 -21.39 0.43
CA SER A 105 3.60 -21.51 1.02
C SER A 105 3.83 -22.90 1.52
N LEU A 106 5.12 -23.27 1.64
CA LEU A 106 5.55 -24.54 2.23
C LEU A 106 5.12 -24.59 3.71
N ASN A 107 5.16 -23.44 4.39
CA ASN A 107 4.81 -23.36 5.79
C ASN A 107 4.41 -21.94 6.14
N LEU A 108 3.15 -21.77 6.48
CA LEU A 108 2.60 -20.44 6.73
C LEU A 108 3.33 -19.65 7.83
N GLU A 109 3.50 -20.24 9.02
CA GLU A 109 4.12 -19.53 10.14
C GLU A 109 5.57 -19.15 9.88
N ILE A 110 6.36 -20.01 9.21
CA ILE A 110 7.75 -19.63 8.91
C ILE A 110 7.77 -18.50 7.89
N HIS A 111 6.98 -18.67 6.80
CA HIS A 111 6.87 -17.68 5.70
C HIS A 111 6.53 -16.27 6.26
N GLU A 112 5.45 -16.18 7.04
CA GLU A 112 5.01 -14.89 7.58
C GLU A 112 6.00 -14.32 8.60
N THR A 113 6.64 -15.17 9.41
CA THR A 113 7.63 -14.68 10.37
C THR A 113 8.84 -14.09 9.62
N LEU A 114 9.25 -14.72 8.51
CA LEU A 114 10.42 -14.27 7.75
C LEU A 114 10.21 -12.90 7.11
N HIS A 115 8.94 -12.49 6.84
CA HIS A 115 8.65 -11.14 6.38
C HIS A 115 9.05 -10.14 7.49
N ALA A 116 8.65 -10.42 8.76
CA ALA A 116 8.99 -9.54 9.90
C ALA A 116 10.50 -9.48 10.11
N VAL A 117 11.21 -10.62 9.94
CA VAL A 117 12.68 -10.70 10.05
C VAL A 117 13.31 -9.79 8.98
N ASP A 118 12.85 -9.91 7.71
CA ASP A 118 13.35 -9.08 6.62
C ASP A 118 13.16 -7.58 6.93
N ARG A 119 11.94 -7.18 7.31
CA ARG A 119 11.62 -5.77 7.57
C ARG A 119 12.24 -5.17 8.79
N LEU A 120 12.11 -5.89 9.92
CA LEU A 120 12.47 -5.35 11.24
C LEU A 120 13.77 -5.81 11.84
N VAL A 121 14.35 -6.89 11.34
CA VAL A 121 15.62 -7.39 11.86
C VAL A 121 16.77 -7.13 10.88
N LEU A 122 16.56 -7.41 9.58
CA LEU A 122 17.60 -7.36 8.56
C LEU A 122 17.60 -6.13 7.63
N ASN A 123 16.95 -5.02 8.04
CA ASN A 123 16.95 -3.76 7.26
C ASN A 123 16.52 -3.96 5.82
N GLU A 124 15.49 -4.79 5.60
CA GLU A 124 15.00 -5.11 4.25
C GLU A 124 16.11 -5.67 3.35
N VAL A 125 16.81 -6.69 3.85
CA VAL A 125 17.85 -7.39 3.08
C VAL A 125 17.31 -7.90 1.72
N SER A 126 15.99 -8.22 1.62
CA SER A 126 15.44 -8.66 0.34
C SER A 126 15.52 -7.59 -0.77
N GLY A 127 15.64 -6.31 -0.37
CA GLY A 127 15.73 -5.18 -1.30
C GLY A 127 17.13 -4.76 -1.67
N THR A 128 18.15 -5.43 -1.13
CA THR A 128 19.55 -5.09 -1.46
C THR A 128 19.87 -5.51 -2.87
N ASP A 129 20.80 -4.78 -3.53
CA ASP A 129 21.23 -5.10 -4.91
C ASP A 129 21.66 -6.54 -5.08
N GLU A 130 22.33 -7.10 -4.04
CA GLU A 130 22.81 -8.48 -4.02
C GLU A 130 21.64 -9.44 -4.10
N PHE A 131 20.61 -9.24 -3.25
CA PHE A 131 19.45 -10.13 -3.26
C PHE A 131 18.62 -9.96 -4.54
N ILE A 132 18.45 -8.70 -5.01
CA ILE A 132 17.70 -8.43 -6.25
C ILE A 132 18.34 -9.20 -7.43
N ASN A 133 19.68 -9.18 -7.51
CA ASN A 133 20.42 -9.90 -8.54
C ASN A 133 20.10 -11.42 -8.47
N ILE A 134 20.11 -12.00 -7.25
CA ILE A 134 19.80 -13.41 -7.03
C ILE A 134 18.34 -13.73 -7.45
N PHE A 135 17.40 -12.87 -7.02
CA PHE A 135 15.97 -12.97 -7.33
C PHE A 135 15.77 -12.95 -8.84
N ASN A 136 16.39 -12.00 -9.55
CA ASN A 136 16.28 -11.91 -11.01
C ASN A 136 16.79 -13.15 -11.74
N LYS A 137 17.83 -13.81 -11.21
CA LYS A 137 18.38 -15.02 -11.80
C LYS A 137 17.61 -16.30 -11.45
N GLU A 138 17.08 -16.42 -10.21
CA GLU A 138 16.56 -17.70 -9.72
C GLU A 138 15.10 -17.80 -9.28
N ALA A 139 14.39 -16.68 -9.01
CA ALA A 139 12.99 -16.77 -8.58
C ALA A 139 12.08 -17.49 -9.58
N SER A 140 12.42 -17.42 -10.89
CA SER A 140 11.66 -18.05 -11.97
C SER A 140 11.69 -19.58 -11.98
N VAL A 141 12.78 -20.20 -11.47
CA VAL A 141 13.01 -21.67 -11.46
C VAL A 141 11.77 -22.45 -10.98
N LYS A 142 11.28 -22.16 -9.75
CA LYS A 142 10.12 -22.84 -9.19
C LYS A 142 8.85 -22.01 -9.26
N TYR A 143 8.96 -20.67 -9.38
CA TYR A 143 7.78 -19.84 -9.21
C TYR A 143 7.30 -19.04 -10.44
N LYS A 144 7.87 -19.28 -11.64
CA LYS A 144 7.43 -18.52 -12.83
C LYS A 144 5.93 -18.51 -13.01
N GLY A 145 5.40 -17.33 -13.37
CA GLY A 145 3.98 -17.11 -13.64
C GLY A 145 3.07 -17.00 -12.44
N ASP A 146 3.60 -17.03 -11.21
CA ASP A 146 2.75 -16.97 -10.02
C ASP A 146 2.34 -15.54 -9.62
N GLY A 147 2.94 -14.52 -10.26
CA GLY A 147 2.70 -13.10 -9.95
C GLY A 147 2.88 -12.75 -8.48
N TYR A 148 3.71 -13.51 -7.76
CA TYR A 148 3.88 -13.39 -6.33
C TYR A 148 5.32 -13.64 -5.92
N VAL A 149 5.70 -14.90 -5.71
CA VAL A 149 7.09 -15.22 -5.36
C VAL A 149 8.06 -14.77 -6.51
N SER A 150 7.63 -14.90 -7.79
CA SER A 150 8.45 -14.51 -8.93
C SER A 150 8.35 -13.02 -9.29
N ALA A 151 7.40 -12.31 -8.66
CA ALA A 151 7.16 -10.90 -8.91
C ALA A 151 7.75 -9.97 -7.85
N TYR A 152 7.86 -10.43 -6.59
CA TYR A 152 8.32 -9.60 -5.47
C TYR A 152 9.52 -10.20 -4.76
N PRO A 153 10.67 -9.46 -4.67
CA PRO A 153 11.83 -9.98 -3.91
C PRO A 153 11.51 -10.29 -2.45
N THR A 154 10.59 -9.52 -1.80
CA THR A 154 10.19 -9.82 -0.41
C THR A 154 9.55 -11.22 -0.30
N GLU A 155 8.75 -11.59 -1.31
CA GLU A 155 8.08 -12.89 -1.33
C GLU A 155 9.10 -14.01 -1.60
N TYR A 156 10.02 -13.77 -2.54
CA TYR A 156 11.08 -14.75 -2.84
C TYR A 156 11.96 -14.94 -1.60
N PHE A 157 12.26 -13.83 -0.88
CA PHE A 157 13.03 -13.90 0.35
C PHE A 157 12.32 -14.82 1.36
N ALA A 158 11.06 -14.52 1.68
CA ALA A 158 10.30 -15.29 2.66
C ALA A 158 10.13 -16.78 2.28
N GLU A 159 9.83 -17.05 1.00
CA GLU A 159 9.61 -18.42 0.58
C GLU A 159 10.93 -19.23 0.47
N ALA A 160 11.96 -18.64 -0.15
CA ALA A 160 13.29 -19.28 -0.28
C ALA A 160 13.93 -19.51 1.11
N ALA A 161 13.73 -18.55 2.08
CA ALA A 161 14.23 -18.74 3.47
C ALA A 161 13.44 -19.90 4.14
N SER A 162 12.14 -20.02 3.82
CA SER A 162 11.30 -21.13 4.31
C SER A 162 11.88 -22.46 3.79
N LEU A 163 12.18 -22.57 2.46
CA LEU A 163 12.80 -23.81 1.91
C LEU A 163 14.11 -24.15 2.67
N TYR A 164 14.92 -23.12 2.95
CA TYR A 164 16.20 -23.27 3.66
C TYR A 164 16.05 -23.78 5.09
N LEU A 165 15.08 -23.25 5.83
CA LEU A 165 14.89 -23.55 7.25
C LEU A 165 13.99 -24.72 7.60
N TYR A 166 12.95 -25.03 6.79
CA TYR A 166 11.92 -26.04 7.09
C TYR A 166 12.47 -27.46 7.36
N SER A 167 13.23 -28.03 6.41
CA SER A 167 13.79 -29.37 6.58
C SER A 167 15.09 -29.55 5.80
N ASP A 168 15.76 -30.70 6.00
CA ASP A 168 16.98 -31.02 5.27
C ASP A 168 16.61 -31.30 3.82
N ALA A 169 15.44 -31.93 3.58
CA ALA A 169 15.05 -32.25 2.19
C ALA A 169 14.76 -30.97 1.36
N THR A 170 14.04 -30.00 1.94
CA THR A 170 13.69 -28.75 1.24
C THR A 170 14.98 -27.92 1.00
N ARG A 171 15.92 -27.91 1.98
CA ARG A 171 17.22 -27.22 1.87
C ARG A 171 18.10 -27.80 0.73
N SER A 172 18.13 -29.15 0.61
CA SER A 172 18.91 -29.84 -0.42
C SER A 172 18.32 -29.49 -1.80
N ASP A 173 16.98 -29.46 -1.88
CA ASP A 173 16.23 -29.11 -3.06
C ASP A 173 16.60 -27.66 -3.51
N LEU A 174 16.59 -26.71 -2.55
CA LEU A 174 16.99 -25.31 -2.77
C LEU A 174 18.45 -25.24 -3.31
N LYS A 175 19.40 -25.94 -2.64
CA LYS A 175 20.83 -26.00 -3.01
C LYS A 175 21.02 -26.40 -4.47
N ASP A 176 20.23 -27.37 -4.93
CA ASP A 176 20.30 -27.90 -6.28
C ASP A 176 19.64 -27.01 -7.33
N SER A 177 18.45 -26.47 -7.01
CA SER A 177 17.59 -25.68 -7.90
C SER A 177 17.91 -24.18 -7.95
N MET A 178 18.26 -23.59 -6.82
CA MET A 178 18.54 -22.16 -6.68
C MET A 178 19.86 -22.01 -5.87
N PRO A 179 21.02 -22.42 -6.46
CA PRO A 179 22.30 -22.39 -5.70
C PRO A 179 22.74 -21.00 -5.21
N LEU A 180 22.48 -19.93 -5.99
CA LEU A 180 22.87 -18.61 -5.50
C LEU A 180 22.02 -18.21 -4.28
N THR A 181 20.72 -18.61 -4.26
CA THR A 181 19.81 -18.32 -3.15
C THR A 181 20.22 -19.14 -1.95
N TYR A 182 20.56 -20.43 -2.16
CA TYR A 182 21.01 -21.31 -1.09
C TYR A 182 22.26 -20.71 -0.37
N GLU A 183 23.26 -20.26 -1.15
CA GLU A 183 24.50 -19.65 -0.69
C GLU A 183 24.21 -18.41 0.18
N PHE A 184 23.32 -17.52 -0.31
CA PHE A 184 22.89 -16.31 0.40
C PHE A 184 22.24 -16.69 1.74
N MET A 185 21.29 -17.65 1.72
CA MET A 185 20.58 -18.09 2.94
C MET A 185 21.52 -18.70 3.94
N ALA A 186 22.48 -19.52 3.48
CA ALA A 186 23.45 -20.19 4.37
C ALA A 186 24.33 -19.16 5.07
N LYS A 187 24.73 -18.12 4.34
CA LYS A 187 25.56 -17.05 4.88
C LYS A 187 24.74 -16.23 5.90
N LEU A 188 23.45 -16.02 5.62
CA LEU A 188 22.55 -15.26 6.49
C LEU A 188 22.21 -16.01 7.79
N PHE A 189 21.91 -17.31 7.69
CA PHE A 189 21.53 -18.16 8.81
C PHE A 189 22.64 -19.13 9.17
N SER B 5 32.09 14.79 2.85
CA SER B 5 32.40 13.82 1.80
C SER B 5 31.35 12.72 1.72
N ILE B 6 30.67 12.39 2.85
CA ILE B 6 29.63 11.36 2.83
C ILE B 6 28.52 11.74 1.83
N LEU B 7 28.14 13.03 1.79
CA LEU B 7 27.13 13.56 0.88
C LEU B 7 27.58 13.54 -0.58
N ASP B 8 28.92 13.55 -0.84
CA ASP B 8 29.45 13.41 -2.19
C ASP B 8 29.24 12.00 -2.72
N LYS B 9 29.16 11.01 -1.81
CA LYS B 9 28.93 9.58 -2.15
C LYS B 9 27.42 9.24 -2.14
N LEU B 10 26.67 9.83 -1.21
CA LEU B 10 25.23 9.59 -1.02
C LEU B 10 24.36 10.31 -2.06
N VAL B 11 24.69 11.58 -2.38
CA VAL B 11 23.90 12.39 -3.31
C VAL B 11 24.34 12.22 -4.77
N VAL B 12 23.38 11.90 -5.63
CA VAL B 12 23.59 11.74 -7.05
C VAL B 12 22.95 12.94 -7.76
N LEU B 13 23.78 13.70 -8.49
CA LEU B 13 23.33 14.86 -9.22
C LEU B 13 23.09 14.53 -10.69
N PRO B 14 22.33 15.35 -11.46
CA PRO B 14 22.15 15.06 -12.90
C PRO B 14 23.46 15.19 -13.66
N SER B 15 23.53 14.52 -14.83
CA SER B 15 24.70 14.57 -15.70
C SER B 15 24.57 15.74 -16.70
N GLY B 16 23.33 16.15 -16.99
CA GLY B 16 23.03 17.22 -17.93
C GLY B 16 22.87 18.59 -17.28
N GLU B 17 21.91 19.39 -17.78
CA GLU B 17 21.68 20.72 -17.25
C GLU B 17 20.81 20.70 -16.02
N TYR B 18 21.12 21.58 -15.06
CA TYR B 18 20.35 21.74 -13.83
C TYR B 18 20.79 22.99 -13.09
N ASN B 19 20.00 23.40 -12.11
CA ASN B 19 20.32 24.55 -11.27
C ASN B 19 21.38 24.11 -10.25
N HIS B 20 22.67 24.42 -10.54
CA HIS B 20 23.81 24.02 -9.69
C HIS B 20 23.77 24.63 -8.30
N SER B 21 23.41 25.92 -8.22
CA SER B 21 23.24 26.66 -6.96
C SER B 21 22.14 26.01 -6.10
N GLU B 22 20.95 25.72 -6.68
CA GLU B 22 19.89 25.10 -5.88
C GLU B 22 20.24 23.68 -5.44
N ALA B 23 20.97 22.91 -6.28
CA ALA B 23 21.36 21.56 -5.89
C ALA B 23 22.33 21.63 -4.72
N ALA B 24 23.28 22.59 -4.77
CA ALA B 24 24.28 22.76 -3.72
C ALA B 24 23.59 23.14 -2.39
N ALA B 25 22.57 24.01 -2.46
CA ALA B 25 21.78 24.46 -1.30
C ALA B 25 21.00 23.28 -0.67
N MET B 26 20.45 22.38 -1.50
CA MET B 26 19.75 21.18 -1.03
C MET B 26 20.75 20.24 -0.33
N LYS B 27 21.95 20.05 -0.91
CA LYS B 27 23.01 19.23 -0.31
C LYS B 27 23.40 19.80 1.06
N GLN B 28 23.54 21.13 1.15
CA GLN B 28 23.89 21.82 2.39
C GLN B 28 22.81 21.63 3.45
N ARG B 29 21.53 21.67 3.05
CA ARG B 29 20.43 21.41 3.98
C ARG B 29 20.46 19.96 4.51
N LEU B 30 20.90 19.00 3.66
CA LEU B 30 21.01 17.58 4.05
C LEU B 30 22.09 17.36 5.13
N GLU B 31 23.07 18.31 5.26
CA GLU B 31 24.12 18.30 6.29
C GLU B 31 23.51 18.43 7.71
N LYS B 32 22.23 18.85 7.81
CA LYS B 32 21.51 18.96 9.09
C LYS B 32 21.25 17.59 9.70
N ILE B 33 21.27 16.54 8.85
CA ILE B 33 21.10 15.16 9.31
C ILE B 33 22.45 14.71 9.91
N PRO B 34 22.47 14.10 11.13
CA PRO B 34 23.75 13.63 11.70
C PRO B 34 24.56 12.74 10.76
N THR B 35 25.87 12.94 10.77
CA THR B 35 26.83 12.22 9.92
C THR B 35 26.71 10.71 10.09
N SER B 36 26.58 10.23 11.33
CA SER B 36 26.44 8.80 11.64
C SER B 36 25.21 8.19 10.94
N ILE B 37 24.10 8.98 10.86
CA ILE B 37 22.87 8.57 10.19
C ILE B 37 23.11 8.54 8.67
N LEU B 38 23.77 9.58 8.11
CA LEU B 38 24.05 9.61 6.67
C LEU B 38 24.99 8.44 6.29
N ASP B 39 25.99 8.09 7.17
CA ASP B 39 26.91 6.96 6.95
C ASP B 39 26.12 5.64 6.87
N ALA B 40 25.18 5.48 7.80
CA ALA B 40 24.32 4.30 7.87
C ALA B 40 23.46 4.18 6.64
N LEU B 41 22.86 5.29 6.16
CA LEU B 41 22.02 5.25 4.96
C LEU B 41 22.84 4.74 3.78
N TYR B 42 24.03 5.33 3.60
CA TYR B 42 24.97 4.97 2.53
C TYR B 42 25.27 3.46 2.55
N SER B 43 25.51 2.90 3.74
CA SER B 43 25.84 1.47 3.87
C SER B 43 24.65 0.54 3.54
N LYS B 44 23.42 1.06 3.57
CA LYS B 44 22.25 0.26 3.20
C LYS B 44 22.01 0.32 1.69
N GLY B 45 22.83 1.09 1.00
CA GLY B 45 22.75 1.23 -0.45
C GLY B 45 21.73 2.28 -0.88
N VAL B 46 21.32 3.15 0.06
CA VAL B 46 20.42 4.26 -0.28
C VAL B 46 21.19 5.33 -1.06
N LYS B 47 20.57 5.91 -2.07
CA LYS B 47 21.15 7.06 -2.76
C LYS B 47 20.09 8.17 -2.75
N ILE B 48 20.53 9.41 -2.73
CA ILE B 48 19.61 10.56 -2.77
C ILE B 48 19.83 11.19 -4.13
N LYS B 49 18.85 11.06 -5.02
CA LYS B 49 18.93 11.60 -6.37
C LYS B 49 18.22 12.95 -6.47
N LEU B 50 18.95 14.00 -6.84
CA LEU B 50 18.35 15.34 -6.99
C LEU B 50 18.08 15.45 -8.49
N THR B 51 16.82 15.46 -8.87
CA THR B 51 16.44 15.40 -10.27
C THR B 51 16.25 16.76 -10.94
N GLN B 52 16.61 16.83 -12.24
CA GLN B 52 16.42 18.04 -13.04
C GLN B 52 14.94 18.28 -13.35
N GLY B 53 14.18 17.22 -13.58
CA GLY B 53 12.76 17.35 -13.88
C GLY B 53 11.89 16.42 -13.06
N ALA B 54 10.79 15.98 -13.66
CA ALA B 54 9.85 15.07 -12.99
C ALA B 54 10.59 13.82 -12.52
N ILE B 55 10.26 13.34 -11.30
CA ILE B 55 10.91 12.18 -10.71
C ILE B 55 10.67 10.91 -11.51
N THR B 56 9.55 10.85 -12.20
CA THR B 56 9.17 9.71 -13.03
C THR B 56 9.96 9.67 -14.36
N ASN B 57 10.90 10.61 -14.58
CA ASN B 57 11.79 10.59 -15.75
C ASN B 57 13.09 9.85 -15.40
N GLU B 58 13.23 9.44 -14.13
CA GLU B 58 14.34 8.62 -13.68
C GLU B 58 13.97 7.17 -14.01
N PRO B 59 14.82 6.38 -14.72
CA PRO B 59 14.39 5.02 -15.09
C PRO B 59 13.99 4.12 -13.94
N GLU B 60 14.60 4.31 -12.76
CA GLU B 60 14.28 3.47 -11.61
C GLU B 60 12.88 3.80 -11.04
N LEU B 61 12.26 4.92 -11.47
CA LEU B 61 10.90 5.35 -11.09
C LEU B 61 9.92 5.47 -12.25
N ALA B 62 10.37 5.04 -13.45
CA ALA B 62 9.57 5.13 -14.66
C ALA B 62 8.28 4.29 -14.56
N TYR B 63 8.24 3.26 -13.69
CA TYR B 63 7.03 2.41 -13.49
C TYR B 63 5.86 3.24 -12.89
N LEU B 64 6.18 4.44 -12.35
CA LEU B 64 5.15 5.30 -11.74
C LEU B 64 4.53 6.28 -12.76
N LYS B 65 5.06 6.31 -13.98
CA LYS B 65 4.58 7.18 -15.05
C LYS B 65 3.07 6.98 -15.26
N GLY B 66 2.30 8.06 -15.18
CA GLY B 66 0.85 8.03 -15.37
C GLY B 66 0.06 7.28 -14.31
N VAL B 67 0.71 6.93 -13.19
CA VAL B 67 0.06 6.18 -12.09
C VAL B 67 -0.52 7.17 -11.07
N VAL B 68 -1.75 6.91 -10.58
CA VAL B 68 -2.41 7.78 -9.59
C VAL B 68 -1.94 7.40 -8.19
N PRO B 69 -1.34 8.33 -7.40
CA PRO B 69 -0.93 7.99 -6.04
C PRO B 69 -2.15 7.54 -5.23
N ARG B 70 -1.91 6.67 -4.22
CA ARG B 70 -2.98 6.14 -3.41
C ARG B 70 -3.72 7.23 -2.65
N GLY B 71 -5.05 7.19 -2.70
CA GLY B 71 -5.89 8.20 -2.04
C GLY B 71 -6.18 9.40 -2.93
N TRP B 72 -5.69 9.40 -4.18
CA TRP B 72 -5.86 10.54 -5.09
C TRP B 72 -6.70 10.24 -6.35
N GLU B 73 -7.51 9.18 -6.32
CA GLU B 73 -8.39 8.87 -7.47
C GLU B 73 -9.35 10.03 -7.73
N GLY B 74 -9.56 10.34 -9.02
CA GLY B 74 -10.46 11.43 -9.41
C GLY B 74 -9.99 12.83 -9.08
N THR B 75 -8.67 13.04 -8.93
CA THR B 75 -8.12 14.36 -8.64
C THR B 75 -7.39 14.97 -9.81
N GLY B 76 -7.00 14.13 -10.80
CA GLY B 76 -6.21 14.57 -11.95
C GLY B 76 -4.72 14.45 -11.65
N LEU B 77 -4.38 14.04 -10.43
CA LEU B 77 -2.97 13.95 -10.10
C LEU B 77 -2.37 12.61 -10.49
N THR B 78 -1.10 12.61 -10.91
CA THR B 78 -0.35 11.35 -11.12
C THR B 78 1.00 11.48 -10.44
N TRP B 79 1.74 10.37 -10.30
CA TRP B 79 3.10 10.44 -9.74
C TRP B 79 4.03 11.41 -10.47
N ASP B 80 3.78 11.68 -11.77
CA ASP B 80 4.57 12.62 -12.57
C ASP B 80 4.60 14.01 -11.94
N ASP B 81 3.53 14.35 -11.20
CA ASP B 81 3.33 15.63 -10.51
C ASP B 81 3.91 15.66 -9.10
N VAL B 82 4.35 14.52 -8.58
CA VAL B 82 4.85 14.45 -7.18
C VAL B 82 6.33 14.86 -7.14
N PRO B 83 6.73 15.83 -6.30
CA PRO B 83 8.11 16.33 -6.36
C PRO B 83 9.19 15.47 -5.69
N GLY B 84 8.78 14.57 -4.80
CA GLY B 84 9.73 13.69 -4.12
C GLY B 84 9.11 12.38 -3.74
N VAL B 85 9.95 11.35 -3.51
CA VAL B 85 9.51 10.02 -3.09
C VAL B 85 10.68 9.31 -2.38
N SER B 86 10.37 8.36 -1.50
CA SER B 86 11.40 7.62 -0.79
C SER B 86 11.07 6.12 -0.81
N GLU B 87 11.99 5.30 -1.35
CA GLU B 87 11.85 3.84 -1.43
C GLU B 87 13.25 3.30 -1.06
N ARG B 88 14.04 2.78 -2.01
CA ARG B 88 15.45 2.42 -1.76
C ARG B 88 16.24 3.65 -2.19
N VAL B 89 15.70 4.37 -3.18
CA VAL B 89 16.27 5.61 -3.69
C VAL B 89 15.39 6.73 -3.08
N VAL B 90 15.99 7.89 -2.77
CA VAL B 90 15.28 9.07 -2.28
C VAL B 90 15.39 10.03 -3.47
N ALA B 91 14.29 10.31 -4.16
CA ALA B 91 14.34 11.19 -5.33
C ALA B 91 13.65 12.48 -4.98
N VAL B 92 14.31 13.62 -5.25
CA VAL B 92 13.76 14.93 -4.94
C VAL B 92 14.04 15.88 -6.11
N ARG B 93 12.98 16.56 -6.59
CA ARG B 93 13.11 17.50 -7.69
C ARG B 93 13.82 18.81 -7.26
N ILE B 94 14.93 19.16 -7.94
CA ILE B 94 15.72 20.37 -7.67
C ILE B 94 14.81 21.59 -7.82
N GLY B 95 14.77 22.42 -6.77
CA GLY B 95 13.98 23.65 -6.72
C GLY B 95 12.65 23.50 -6.00
N TYR B 96 12.28 22.26 -5.60
CA TYR B 96 10.99 21.96 -5.00
C TYR B 96 11.07 21.71 -3.48
N SER B 97 12.17 22.15 -2.84
CA SER B 97 12.42 21.96 -1.40
C SER B 97 11.35 22.58 -0.50
N GLU B 98 10.95 23.82 -0.78
CA GLU B 98 10.08 24.59 0.09
C GLU B 98 8.61 24.15 0.08
N LYS B 99 7.92 24.34 1.24
CA LYS B 99 6.49 24.10 1.41
C LYS B 99 5.74 24.86 0.32
N GLY B 100 4.76 24.20 -0.29
CA GLY B 100 3.94 24.78 -1.35
C GLY B 100 4.44 24.43 -2.74
N LYS B 101 5.61 23.78 -2.87
CA LYS B 101 6.15 23.42 -4.17
C LYS B 101 5.72 22.01 -4.55
N GLY B 102 4.41 21.78 -4.62
CA GLY B 102 3.82 20.47 -4.94
C GLY B 102 3.75 19.53 -3.75
N HIS B 103 4.03 20.05 -2.55
CA HIS B 103 4.02 19.30 -1.30
C HIS B 103 3.82 20.30 -0.15
N ASN B 104 3.50 19.80 1.06
CA ASN B 104 3.29 20.66 2.21
C ASN B 104 4.28 20.45 3.35
N SER B 105 5.46 19.89 3.07
CA SER B 105 6.47 19.68 4.10
C SER B 105 7.31 20.90 4.32
N LEU B 106 7.95 20.99 5.49
CA LEU B 106 8.87 22.10 5.78
C LEU B 106 10.06 22.02 4.78
N ASN B 107 10.55 20.80 4.45
CA ASN B 107 11.70 20.67 3.55
C ASN B 107 11.64 19.30 2.92
N LEU B 108 11.40 19.28 1.62
CA LEU B 108 11.19 18.03 0.90
C LEU B 108 12.34 17.03 1.02
N GLU B 109 13.61 17.47 0.80
CA GLU B 109 14.73 16.51 0.83
C GLU B 109 14.95 15.90 2.21
N ILE B 110 14.80 16.67 3.29
CA ILE B 110 14.99 16.11 4.64
C ILE B 110 13.81 15.19 4.95
N HIS B 111 12.58 15.61 4.65
CA HIS B 111 11.39 14.77 4.88
C HIS B 111 11.53 13.42 4.18
N GLU B 112 11.82 13.45 2.88
CA GLU B 112 11.93 12.19 2.13
C GLU B 112 13.11 11.31 2.58
N THR B 113 14.25 11.92 2.96
CA THR B 113 15.42 11.18 3.43
C THR B 113 15.13 10.50 4.75
N LEU B 114 14.37 11.17 5.64
CA LEU B 114 14.02 10.64 6.94
C LEU B 114 13.11 9.42 6.86
N HIS B 115 12.30 9.29 5.78
CA HIS B 115 11.50 8.08 5.54
C HIS B 115 12.48 6.90 5.34
N ALA B 116 13.58 7.10 4.54
CA ALA B 116 14.58 6.04 4.32
C ALA B 116 15.33 5.73 5.62
N VAL B 117 15.63 6.75 6.43
CA VAL B 117 16.29 6.57 7.73
C VAL B 117 15.41 5.67 8.61
N ASP B 118 14.13 6.01 8.73
CA ASP B 118 13.20 5.25 9.54
C ASP B 118 13.14 3.76 9.11
N ARG B 119 12.94 3.56 7.82
CA ARG B 119 12.72 2.26 7.22
C ARG B 119 13.94 1.39 7.15
N LEU B 120 15.08 1.97 6.73
CA LEU B 120 16.28 1.16 6.44
C LEU B 120 17.45 1.32 7.41
N VAL B 121 17.41 2.33 8.29
CA VAL B 121 18.45 2.47 9.29
C VAL B 121 17.91 2.12 10.67
N LEU B 122 16.69 2.59 11.02
CA LEU B 122 16.19 2.47 12.38
C LEU B 122 15.13 1.36 12.63
N ASN B 123 15.03 0.37 11.71
CA ASN B 123 14.12 -0.78 11.89
C ASN B 123 12.66 -0.38 12.06
N GLU B 124 12.23 0.68 11.34
CA GLU B 124 10.85 1.19 11.41
C GLU B 124 10.51 1.64 12.83
N VAL B 125 11.37 2.46 13.42
CA VAL B 125 11.18 2.98 14.78
C VAL B 125 9.84 3.73 14.92
N SER B 126 9.31 4.30 13.83
CA SER B 126 8.04 5.02 13.86
C SER B 126 6.87 4.09 14.18
N GLY B 127 7.05 2.78 13.96
CA GLY B 127 6.04 1.77 14.22
C GLY B 127 6.17 1.09 15.57
N THR B 128 7.14 1.51 16.39
CA THR B 128 7.28 0.96 17.76
C THR B 128 6.14 1.44 18.61
N ASP B 129 5.78 0.68 19.67
CA ASP B 129 4.71 1.11 20.59
C ASP B 129 5.02 2.46 21.20
N GLU B 130 6.30 2.73 21.47
CA GLU B 130 6.76 4.01 22.04
C GLU B 130 6.42 5.20 21.14
N PHE B 131 6.75 5.11 19.85
CA PHE B 131 6.47 6.20 18.93
C PHE B 131 4.97 6.28 18.61
N ILE B 132 4.27 5.14 18.51
CA ILE B 132 2.82 5.17 18.28
C ILE B 132 2.11 5.91 19.45
N ASN B 133 2.55 5.67 20.71
CA ASN B 133 1.97 6.34 21.88
C ASN B 133 2.17 7.87 21.76
N ILE B 134 3.37 8.30 21.30
CA ILE B 134 3.71 9.71 21.14
C ILE B 134 2.83 10.32 20.02
N PHE B 135 2.76 9.61 18.90
CA PHE B 135 1.97 9.98 17.73
C PHE B 135 0.50 10.17 18.16
N ASN B 136 -0.07 9.21 18.91
CA ASN B 136 -1.49 9.30 19.34
C ASN B 136 -1.76 10.51 20.23
N LYS B 137 -0.75 10.96 20.95
CA LYS B 137 -0.89 12.09 21.85
C LYS B 137 -0.60 13.43 21.19
N GLU B 138 0.37 13.49 20.25
CA GLU B 138 0.82 14.80 19.78
C GLU B 138 0.68 15.11 18.30
N ALA B 139 0.43 14.13 17.44
CA ALA B 139 0.35 14.45 16.01
C ALA B 139 -0.85 15.37 15.65
N SER B 140 -1.92 15.32 16.44
CA SER B 140 -3.10 16.15 16.20
C SER B 140 -2.88 17.62 16.52
N VAL B 141 -1.89 17.93 17.39
CA VAL B 141 -1.67 19.31 17.85
C VAL B 141 -1.54 20.30 16.69
N LYS B 142 -0.67 20.02 15.73
CA LYS B 142 -0.46 20.91 14.60
C LYS B 142 -0.97 20.36 13.25
N TYR B 143 -1.28 19.07 13.21
CA TYR B 143 -1.64 18.45 11.93
C TYR B 143 -3.05 17.87 11.85
N LYS B 144 -3.89 18.08 12.87
CA LYS B 144 -5.27 17.57 12.91
C LYS B 144 -5.98 17.87 11.57
N GLY B 145 -6.63 16.86 11.01
CA GLY B 145 -7.41 16.99 9.78
C GLY B 145 -6.64 17.00 8.49
N ASP B 146 -5.32 16.74 8.52
CA ASP B 146 -4.54 16.74 7.27
C ASP B 146 -4.59 15.39 6.53
N GLY B 147 -5.15 14.36 7.19
CA GLY B 147 -5.25 12.98 6.67
C GLY B 147 -3.91 12.36 6.26
N TYR B 148 -2.80 12.85 6.86
CA TYR B 148 -1.46 12.53 6.43
C TYR B 148 -0.49 12.46 7.60
N VAL B 149 0.05 13.60 8.04
CA VAL B 149 0.92 13.62 9.22
C VAL B 149 0.14 13.15 10.48
N SER B 150 -1.15 13.51 10.59
CA SER B 150 -1.97 13.08 11.74
C SER B 150 -2.58 11.68 11.55
N ALA B 151 -2.44 11.06 10.35
CA ALA B 151 -3.03 9.73 10.06
C ALA B 151 -1.99 8.58 10.06
N TYR B 152 -0.69 8.91 9.92
CA TYR B 152 0.37 7.91 9.80
C TYR B 152 1.57 8.21 10.66
N PRO B 153 1.90 7.31 11.60
CA PRO B 153 3.15 7.47 12.38
C PRO B 153 4.40 7.67 11.51
N THR B 154 4.51 6.98 10.34
CA THR B 154 5.69 7.20 9.47
C THR B 154 5.77 8.68 9.03
N GLU B 155 4.60 9.29 8.72
CA GLU B 155 4.52 10.68 8.22
C GLU B 155 4.84 11.66 9.33
N TYR B 156 4.34 11.37 10.53
CA TYR B 156 4.61 12.19 11.70
C TYR B 156 6.11 12.08 12.05
N PHE B 157 6.69 10.89 11.95
CA PHE B 157 8.12 10.75 12.20
C PHE B 157 8.90 11.60 11.22
N ALA B 158 8.64 11.46 9.92
CA ALA B 158 9.39 12.16 8.90
C ALA B 158 9.24 13.69 9.03
N GLU B 159 8.02 14.17 9.29
CA GLU B 159 7.82 15.61 9.41
C GLU B 159 8.34 16.17 10.75
N ALA B 160 8.09 15.49 11.89
CA ALA B 160 8.61 15.99 13.18
C ALA B 160 10.12 15.96 13.23
N ALA B 161 10.75 14.93 12.63
CA ALA B 161 12.22 14.92 12.59
C ALA B 161 12.72 16.07 11.74
N SER B 162 11.98 16.46 10.66
CA SER B 162 12.33 17.62 9.81
C SER B 162 12.27 18.90 10.69
N LEU B 163 11.22 19.06 11.53
CA LEU B 163 11.14 20.23 12.41
C LEU B 163 12.32 20.25 13.41
N TYR B 164 12.68 19.07 13.95
CA TYR B 164 13.79 18.96 14.89
C TYR B 164 15.14 19.36 14.22
N LEU B 165 15.38 18.84 12.99
CA LEU B 165 16.67 19.00 12.30
C LEU B 165 16.86 20.28 11.49
N TYR B 166 15.78 20.82 10.90
CA TYR B 166 15.84 21.95 9.96
C TYR B 166 16.52 23.22 10.47
N SER B 167 16.03 23.76 11.59
CA SER B 167 16.57 25.00 12.16
C SER B 167 16.34 25.08 13.68
N ASP B 168 17.03 26.04 14.33
CA ASP B 168 16.88 26.29 15.76
C ASP B 168 15.47 26.79 16.04
N ALA B 169 14.90 27.59 15.12
CA ALA B 169 13.53 28.10 15.24
C ALA B 169 12.48 26.97 15.13
N THR B 170 12.64 26.04 14.14
CA THR B 170 11.62 24.96 14.03
C THR B 170 11.73 23.94 15.17
N ARG B 171 12.96 23.69 15.62
CA ARG B 171 13.23 22.76 16.73
C ARG B 171 12.58 23.33 17.99
N SER B 172 12.69 24.66 18.19
CA SER B 172 12.09 25.38 19.31
C SER B 172 10.54 25.28 19.28
N ASP B 173 9.94 25.42 18.09
CA ASP B 173 8.49 25.28 17.89
C ASP B 173 8.05 23.84 18.24
N LEU B 174 8.84 22.84 17.81
CA LEU B 174 8.60 21.42 18.10
C LEU B 174 8.56 21.21 19.63
N LYS B 175 9.58 21.73 20.34
CA LYS B 175 9.65 21.61 21.82
C LYS B 175 8.40 22.20 22.50
N ASP B 176 7.89 23.34 21.99
CA ASP B 176 6.73 24.02 22.55
C ASP B 176 5.41 23.29 22.32
N SER B 177 5.17 22.76 21.11
CA SER B 177 3.89 22.12 20.83
C SER B 177 3.87 20.63 20.97
N MET B 178 5.02 19.95 20.73
CA MET B 178 5.06 18.48 20.80
C MET B 178 6.29 18.05 21.64
N PRO B 179 6.22 18.28 22.98
CA PRO B 179 7.40 18.04 23.84
C PRO B 179 7.85 16.60 23.92
N LEU B 180 6.91 15.64 23.89
CA LEU B 180 7.29 14.21 23.91
C LEU B 180 7.98 13.84 22.60
N THR B 181 7.49 14.42 21.48
CA THR B 181 8.10 14.17 20.18
C THR B 181 9.53 14.74 20.17
N TYR B 182 9.70 15.94 20.69
CA TYR B 182 11.01 16.60 20.78
C TYR B 182 12.01 15.68 21.52
N GLU B 183 11.61 15.19 22.73
CA GLU B 183 12.45 14.30 23.56
C GLU B 183 12.86 13.07 22.75
N PHE B 184 11.90 12.50 22.00
CA PHE B 184 12.16 11.31 21.21
C PHE B 184 13.19 11.62 20.11
N MET B 185 13.01 12.73 19.41
CA MET B 185 13.96 13.14 18.34
C MET B 185 15.34 13.43 18.91
N ALA B 186 15.41 14.10 20.09
CA ALA B 186 16.67 14.38 20.74
C ALA B 186 17.43 13.07 21.10
N LYS B 187 16.72 12.04 21.62
CA LYS B 187 17.36 10.76 21.94
C LYS B 187 17.91 10.07 20.70
N LEU B 188 17.17 10.13 19.60
CA LEU B 188 17.56 9.51 18.34
C LEU B 188 18.74 10.19 17.69
N PHE B 189 18.70 11.52 17.63
CA PHE B 189 19.74 12.28 16.98
C PHE B 189 20.61 12.89 18.11
N ALA B 190 20.85 14.22 18.13
CA ALA B 190 21.64 14.95 19.16
C ALA B 190 22.90 14.21 19.66
N GLU C 3 -27.16 23.79 -1.32
CA GLU C 3 -28.12 24.88 -1.11
C GLU C 3 -27.72 25.73 0.12
N GLN C 4 -28.47 25.67 1.25
CA GLN C 4 -28.18 26.42 2.47
C GLN C 4 -28.19 25.54 3.72
N SER C 5 -27.53 24.39 3.61
CA SER C 5 -27.43 23.49 4.75
C SER C 5 -26.47 24.10 5.78
N ILE C 6 -26.66 23.77 7.05
CA ILE C 6 -25.71 24.12 8.12
C ILE C 6 -24.32 23.48 7.74
N LEU C 7 -24.32 22.52 6.78
CA LEU C 7 -23.11 21.84 6.32
C LEU C 7 -22.13 22.79 5.60
N ASP C 8 -22.62 23.92 5.08
CA ASP C 8 -21.76 24.95 4.45
C ASP C 8 -20.79 25.53 5.49
N LYS C 9 -21.22 25.60 6.75
CA LYS C 9 -20.44 26.13 7.87
C LYS C 9 -19.72 25.00 8.60
N LEU C 10 -20.39 23.86 8.79
CA LEU C 10 -19.90 22.70 9.51
C LEU C 10 -18.77 21.97 8.78
N VAL C 11 -18.86 21.84 7.41
CA VAL C 11 -17.88 21.12 6.58
C VAL C 11 -16.77 22.03 6.08
N VAL C 12 -15.53 21.59 6.27
CA VAL C 12 -14.30 22.27 5.85
C VAL C 12 -13.63 21.36 4.81
N LEU C 13 -13.26 21.93 3.67
CA LEU C 13 -12.63 21.22 2.55
C LEU C 13 -11.11 21.43 2.53
N PRO C 14 -10.34 20.60 1.78
CA PRO C 14 -8.88 20.82 1.72
C PRO C 14 -8.52 22.18 1.11
N SER C 15 -7.34 22.68 1.48
CA SER C 15 -6.84 23.99 1.02
C SER C 15 -6.34 24.00 -0.44
N GLY C 16 -5.85 22.87 -0.94
CA GLY C 16 -5.29 22.80 -2.29
C GLY C 16 -6.05 21.90 -3.23
N GLU C 17 -5.36 20.91 -3.82
CA GLU C 17 -5.99 19.99 -4.76
C GLU C 17 -6.76 18.90 -4.06
N TYR C 18 -7.92 18.52 -4.61
CA TYR C 18 -8.77 17.44 -4.09
C TYR C 18 -9.82 17.02 -5.11
N ASN C 19 -10.54 15.93 -4.81
CA ASN C 19 -11.59 15.45 -5.67
C ASN C 19 -12.84 16.23 -5.25
N HIS C 20 -13.18 17.29 -6.01
N HIS C 20 -13.16 17.31 -6.00
CA HIS C 20 -14.31 18.17 -5.70
CA HIS C 20 -14.30 18.20 -5.73
C HIS C 20 -15.63 17.45 -5.77
C HIS C 20 -15.63 17.48 -5.78
N SER C 21 -15.79 16.59 -6.78
CA SER C 21 -17.00 15.79 -6.99
C SER C 21 -17.31 14.86 -5.81
N GLU C 22 -16.29 14.12 -5.33
CA GLU C 22 -16.46 13.21 -4.20
C GLU C 22 -16.66 13.98 -2.89
N ALA C 23 -15.93 15.11 -2.67
CA ALA C 23 -16.13 15.92 -1.46
C ALA C 23 -17.59 16.44 -1.39
N ALA C 24 -18.13 16.89 -2.55
CA ALA C 24 -19.52 17.36 -2.66
C ALA C 24 -20.51 16.22 -2.37
N ALA C 25 -20.22 14.99 -2.84
CA ALA C 25 -21.08 13.83 -2.59
C ALA C 25 -21.10 13.43 -1.11
N MET C 26 -19.94 13.57 -0.43
CA MET C 26 -19.85 13.25 1.02
C MET C 26 -20.65 14.28 1.83
N LYS C 27 -20.51 15.58 1.47
CA LYS C 27 -21.24 16.67 2.12
C LYS C 27 -22.75 16.47 1.91
N GLN C 28 -23.15 16.02 0.71
CA GLN C 28 -24.55 15.71 0.43
C GLN C 28 -25.04 14.53 1.30
N ARG C 29 -24.24 13.45 1.44
CA ARG C 29 -24.65 12.32 2.28
C ARG C 29 -24.82 12.71 3.73
N LEU C 30 -24.03 13.72 4.20
CA LEU C 30 -24.15 14.21 5.58
C LEU C 30 -25.53 14.82 5.92
N GLU C 31 -26.29 15.24 4.89
CA GLU C 31 -27.68 15.76 5.01
C GLU C 31 -28.66 14.72 5.53
N LYS C 32 -28.24 13.43 5.61
CA LYS C 32 -29.06 12.37 6.20
C LYS C 32 -29.07 12.54 7.74
N ILE C 33 -28.09 13.28 8.30
CA ILE C 33 -28.05 13.57 9.74
C ILE C 33 -29.09 14.68 9.97
N PRO C 34 -29.99 14.55 10.98
CA PRO C 34 -31.03 15.60 11.16
C PRO C 34 -30.46 16.98 11.43
N THR C 35 -31.17 18.01 10.93
CA THR C 35 -30.86 19.44 11.08
C THR C 35 -30.59 19.84 12.54
N SER C 36 -31.42 19.37 13.50
CA SER C 36 -31.25 19.67 14.93
C SER C 36 -29.85 19.21 15.41
N ILE C 37 -29.41 18.04 14.95
CA ILE C 37 -28.13 17.46 15.36
C ILE C 37 -26.98 18.22 14.72
N LEU C 38 -27.06 18.50 13.41
CA LEU C 38 -26.02 19.22 12.68
C LEU C 38 -25.80 20.62 13.28
N ASP C 39 -26.89 21.33 13.64
CA ASP C 39 -26.84 22.65 14.29
C ASP C 39 -26.15 22.55 15.64
N ALA C 40 -26.51 21.50 16.43
CA ALA C 40 -25.93 21.26 17.75
C ALA C 40 -24.45 20.99 17.65
N LEU C 41 -24.03 20.21 16.62
CA LEU C 41 -22.60 19.94 16.43
C LEU C 41 -21.86 21.24 16.15
N TYR C 42 -22.39 22.08 15.23
CA TYR C 42 -21.78 23.36 14.89
C TYR C 42 -21.69 24.26 16.14
N SER C 43 -22.77 24.30 16.93
CA SER C 43 -22.88 25.09 18.17
C SER C 43 -21.86 24.69 19.20
N LYS C 44 -21.46 23.39 19.22
CA LYS C 44 -20.45 22.89 20.16
C LYS C 44 -19.00 23.05 19.64
N GLY C 45 -18.82 23.73 18.50
CA GLY C 45 -17.51 23.98 17.90
C GLY C 45 -16.91 22.85 17.10
N VAL C 46 -17.74 21.90 16.66
CA VAL C 46 -17.28 20.78 15.88
C VAL C 46 -17.12 21.21 14.41
N LYS C 47 -16.09 20.68 13.74
CA LYS C 47 -15.88 20.83 12.31
C LYS C 47 -15.72 19.46 11.71
N ILE C 48 -16.35 19.25 10.54
CA ILE C 48 -16.22 18.01 9.80
C ILE C 48 -15.26 18.35 8.66
N LYS C 49 -14.04 17.87 8.76
CA LYS C 49 -13.01 18.11 7.76
C LYS C 49 -12.92 16.95 6.72
N LEU C 50 -13.11 17.27 5.43
CA LEU C 50 -12.96 16.31 4.33
C LEU C 50 -11.56 16.54 3.81
N THR C 51 -10.75 15.49 3.80
CA THR C 51 -9.33 15.59 3.45
C THR C 51 -8.94 14.57 2.39
N GLN C 52 -8.12 15.01 1.42
CA GLN C 52 -7.55 14.13 0.43
C GLN C 52 -6.21 13.58 0.97
N GLY C 53 -5.83 13.96 2.20
CA GLY C 53 -4.54 13.56 2.75
C GLY C 53 -3.43 14.11 1.87
N ALA C 54 -2.35 13.32 1.69
CA ALA C 54 -1.28 13.75 0.79
C ALA C 54 -0.61 12.51 0.20
N ILE C 55 0.64 12.60 -0.23
CA ILE C 55 1.31 11.49 -0.92
C ILE C 55 2.10 10.62 0.04
N THR C 56 1.73 9.36 0.13
CA THR C 56 2.38 8.39 1.00
C THR C 56 3.06 7.27 0.17
N ASN C 57 3.79 6.39 0.87
CA ASN C 57 4.39 5.18 0.29
C ASN C 57 4.39 4.17 1.43
N GLU C 58 3.19 3.72 1.79
CA GLU C 58 2.93 2.87 2.94
C GLU C 58 2.65 1.43 2.61
N PRO C 59 3.06 0.49 3.48
CA PRO C 59 2.64 -0.93 3.27
C PRO C 59 1.13 -0.98 3.39
N GLU C 60 0.52 -1.94 2.71
CA GLU C 60 -0.93 -2.09 2.68
C GLU C 60 -1.62 -2.01 4.07
N LEU C 61 -1.16 -2.82 5.05
CA LEU C 61 -1.79 -2.83 6.37
C LEU C 61 -1.69 -1.50 7.07
N ALA C 62 -0.52 -0.84 6.96
CA ALA C 62 -0.36 0.47 7.60
C ALA C 62 -1.19 1.55 6.89
N TYR C 63 -1.23 1.53 5.54
CA TYR C 63 -2.04 2.49 4.79
C TYR C 63 -3.53 2.42 5.22
N LEU C 64 -4.06 1.21 5.30
CA LEU C 64 -5.47 0.98 5.66
C LEU C 64 -5.74 1.38 7.09
N LYS C 65 -4.80 1.08 8.01
CA LYS C 65 -4.98 1.41 9.41
C LYS C 65 -5.21 2.89 9.61
N GLY C 66 -4.47 3.71 8.85
CA GLY C 66 -4.52 5.17 8.88
C GLY C 66 -5.69 5.83 8.18
N VAL C 67 -6.54 5.05 7.45
CA VAL C 67 -7.69 5.61 6.75
C VAL C 67 -8.75 6.14 7.74
N VAL C 68 -9.13 5.33 8.73
CA VAL C 68 -10.18 5.77 9.66
C VAL C 68 -9.62 6.68 10.73
N PRO C 69 -10.42 7.62 11.29
CA PRO C 69 -9.90 8.42 12.43
C PRO C 69 -9.61 7.49 13.60
N ARG C 70 -8.58 7.80 14.35
CA ARG C 70 -8.13 7.09 15.54
C ARG C 70 -7.73 5.65 15.26
N GLY C 71 -7.41 5.36 13.98
CA GLY C 71 -6.97 4.04 13.54
C GLY C 71 -5.80 3.44 14.31
N TRP C 72 -4.90 4.28 14.87
CA TRP C 72 -3.73 3.82 15.57
C TRP C 72 -3.93 3.78 17.08
N GLU C 73 -5.12 4.15 17.56
CA GLU C 73 -5.40 4.25 18.99
C GLU C 73 -5.96 3.00 19.64
N GLY C 74 -6.41 2.04 18.85
CA GLY C 74 -7.02 0.84 19.39
C GLY C 74 -8.18 0.35 18.55
N THR C 75 -8.77 -0.79 18.97
CA THR C 75 -9.85 -1.46 18.24
C THR C 75 -11.14 -0.65 18.16
N GLY C 76 -11.76 -0.40 19.30
CA GLY C 76 -13.01 0.35 19.38
C GLY C 76 -12.88 1.49 20.35
N LEU C 77 -13.81 2.44 20.31
CA LEU C 77 -13.72 3.59 21.20
C LEU C 77 -14.31 3.32 22.56
N THR C 78 -13.65 3.85 23.58
CA THR C 78 -14.08 3.87 24.97
C THR C 78 -13.96 5.34 25.38
N TRP C 79 -15.02 5.91 25.97
CA TRP C 79 -14.98 7.31 26.42
C TRP C 79 -14.30 7.31 27.79
N ASP C 80 -13.00 6.91 27.82
CA ASP C 80 -12.27 6.74 29.07
C ASP C 80 -11.72 8.03 29.70
N ASP C 81 -11.80 9.15 28.96
CA ASP C 81 -11.39 10.45 29.48
C ASP C 81 -12.41 11.46 28.93
N VAL C 82 -12.37 12.70 29.45
CA VAL C 82 -13.27 13.78 29.01
C VAL C 82 -12.90 14.14 27.55
N PRO C 83 -13.84 14.58 26.68
CA PRO C 83 -13.46 14.87 25.29
C PRO C 83 -12.38 15.95 25.13
N GLY C 84 -11.33 15.64 24.38
CA GLY C 84 -10.23 16.57 24.13
C GLY C 84 -10.49 17.51 22.97
N VAL C 85 -9.53 18.40 22.68
CA VAL C 85 -9.57 19.37 21.57
C VAL C 85 -9.71 18.65 20.21
N SER C 86 -8.94 17.54 20.01
CA SER C 86 -8.96 16.74 18.77
C SER C 86 -10.35 16.15 18.42
N GLU C 87 -11.21 15.95 19.44
CA GLU C 87 -12.54 15.40 19.24
C GLU C 87 -13.52 16.39 18.59
N ARG C 88 -13.15 17.68 18.53
CA ARG C 88 -14.00 18.67 17.85
C ARG C 88 -13.68 18.74 16.35
N VAL C 89 -12.80 17.85 15.86
CA VAL C 89 -12.49 17.77 14.43
C VAL C 89 -12.81 16.35 13.99
N VAL C 90 -13.78 16.18 13.07
CA VAL C 90 -14.11 14.84 12.54
C VAL C 90 -13.46 14.81 11.15
N ALA C 91 -12.26 14.19 11.04
CA ALA C 91 -11.51 14.15 9.76
C ALA C 91 -11.85 12.91 8.98
N VAL C 92 -12.39 13.08 7.76
CA VAL C 92 -12.83 11.98 6.91
C VAL C 92 -12.07 12.00 5.60
N ARG C 93 -11.48 10.87 5.25
N ARG C 93 -11.45 10.88 5.25
CA ARG C 93 -10.68 10.74 4.03
CA ARG C 93 -10.65 10.78 4.04
C ARG C 93 -11.55 10.64 2.77
C ARG C 93 -11.54 10.65 2.80
N ILE C 94 -11.44 11.62 1.87
CA ILE C 94 -12.18 11.67 0.60
C ILE C 94 -11.92 10.37 -0.23
N GLY C 95 -12.99 9.74 -0.69
CA GLY C 95 -12.91 8.52 -1.47
C GLY C 95 -13.08 7.25 -0.66
N TYR C 96 -13.12 7.35 0.69
CA TYR C 96 -13.22 6.15 1.53
C TYR C 96 -14.57 6.02 2.25
N SER C 97 -15.60 6.67 1.76
CA SER C 97 -16.93 6.65 2.39
C SER C 97 -17.56 5.26 2.47
N GLU C 98 -17.57 4.55 1.34
CA GLU C 98 -18.30 3.30 1.17
C GLU C 98 -17.74 2.10 1.94
N LYS C 99 -18.67 1.20 2.35
CA LYS C 99 -18.36 -0.04 3.04
C LYS C 99 -17.31 -0.81 2.20
N GLY C 100 -16.23 -1.22 2.85
CA GLY C 100 -15.14 -1.95 2.22
C GLY C 100 -13.88 -1.12 2.01
N LYS C 101 -13.98 0.24 2.05
CA LYS C 101 -12.82 1.12 1.76
C LYS C 101 -12.00 1.47 2.99
N GLY C 102 -11.32 0.47 3.52
CA GLY C 102 -10.50 0.60 4.71
C GLY C 102 -11.30 0.51 5.99
N HIS C 103 -12.58 0.08 5.87
CA HIS C 103 -13.48 -0.04 7.01
C HIS C 103 -14.67 -0.91 6.56
N ASN C 104 -15.48 -1.34 7.53
CA ASN C 104 -16.66 -2.17 7.23
C ASN C 104 -17.97 -1.43 7.63
N SER C 105 -17.93 -0.12 7.74
CA SER C 105 -19.10 0.69 8.11
C SER C 105 -19.94 0.98 6.89
N LEU C 106 -21.24 1.20 7.07
CA LEU C 106 -22.13 1.56 5.96
C LEU C 106 -21.69 2.89 5.32
N ASN C 107 -21.22 3.87 6.14
CA ASN C 107 -20.79 5.18 5.63
C ASN C 107 -19.82 5.81 6.60
N LEU C 108 -18.61 6.05 6.13
CA LEU C 108 -17.55 6.57 6.98
C LEU C 108 -17.84 7.93 7.61
N GLU C 109 -18.23 8.94 6.78
CA GLU C 109 -18.47 10.29 7.33
C GLU C 109 -19.63 10.32 8.30
N ILE C 110 -20.71 9.54 8.05
CA ILE C 110 -21.87 9.50 8.96
C ILE C 110 -21.47 8.80 10.25
N HIS C 111 -20.82 7.63 10.13
CA HIS C 111 -20.37 6.85 11.29
C HIS C 111 -19.48 7.71 12.20
N GLU C 112 -18.46 8.36 11.61
CA GLU C 112 -17.51 9.16 12.42
C GLU C 112 -18.16 10.40 13.03
N THR C 113 -19.08 11.04 12.28
CA THR C 113 -19.79 12.21 12.79
C THR C 113 -20.68 11.77 13.96
N LEU C 114 -21.31 10.57 13.87
CA LEU C 114 -22.16 10.07 14.95
C LEU C 114 -21.36 9.85 16.25
N HIS C 115 -20.04 9.53 16.17
CA HIS C 115 -19.23 9.45 17.39
C HIS C 115 -19.18 10.83 18.08
N ALA C 116 -18.99 11.93 17.29
CA ALA C 116 -18.99 13.28 17.83
C ALA C 116 -20.37 13.65 18.38
N VAL C 117 -21.46 13.16 17.71
CA VAL C 117 -22.84 13.38 18.16
C VAL C 117 -23.01 12.74 19.55
N ASP C 118 -22.66 11.45 19.66
CA ASP C 118 -22.74 10.69 20.90
C ASP C 118 -21.98 11.42 22.03
N ARG C 119 -20.75 11.86 21.74
CA ARG C 119 -19.86 12.50 22.70
C ARG C 119 -20.22 13.92 23.13
N LEU C 120 -20.48 14.80 22.16
CA LEU C 120 -20.62 16.23 22.40
C LEU C 120 -22.05 16.78 22.32
N VAL C 121 -23.00 16.02 21.78
CA VAL C 121 -24.38 16.49 21.65
C VAL C 121 -25.34 15.72 22.58
N LEU C 122 -25.21 14.39 22.63
CA LEU C 122 -26.15 13.55 23.36
C LEU C 122 -25.63 13.05 24.70
N ASN C 123 -24.60 13.72 25.26
CA ASN C 123 -24.05 13.45 26.60
C ASN C 123 -23.73 11.97 26.82
N GLU C 124 -23.01 11.39 25.85
CA GLU C 124 -22.61 9.98 25.86
C GLU C 124 -23.84 9.05 26.02
N VAL C 125 -24.81 9.21 25.13
CA VAL C 125 -26.02 8.40 25.09
C VAL C 125 -25.70 6.88 24.98
N SER C 126 -24.57 6.52 24.32
CA SER C 126 -24.16 5.12 24.18
C SER C 126 -23.82 4.46 25.52
N GLY C 127 -23.64 5.28 26.57
CA GLY C 127 -23.34 4.81 27.90
C GLY C 127 -24.53 4.77 28.84
N THR C 128 -25.72 5.21 28.39
CA THR C 128 -26.91 5.20 29.25
C THR C 128 -27.43 3.78 29.44
N ASP C 129 -28.08 3.52 30.59
CA ASP C 129 -28.67 2.21 30.94
C ASP C 129 -29.58 1.70 29.83
N GLU C 130 -30.42 2.60 29.29
CA GLU C 130 -31.36 2.30 28.21
C GLU C 130 -30.59 1.74 26.99
N PHE C 131 -29.51 2.42 26.56
CA PHE C 131 -28.73 1.97 25.41
C PHE C 131 -27.92 0.70 25.70
N ILE C 132 -27.29 0.59 26.90
CA ILE C 132 -26.54 -0.60 27.31
C ILE C 132 -27.45 -1.85 27.21
N ASN C 133 -28.71 -1.73 27.68
CA ASN C 133 -29.68 -2.82 27.62
C ASN C 133 -29.92 -3.29 26.17
N ILE C 134 -30.11 -2.34 25.24
CA ILE C 134 -30.32 -2.62 23.82
C ILE C 134 -29.06 -3.29 23.21
N PHE C 135 -27.88 -2.80 23.62
CA PHE C 135 -26.60 -3.32 23.18
C PHE C 135 -26.49 -4.81 23.56
N ASN C 136 -26.70 -5.15 24.84
CA ASN C 136 -26.63 -6.51 25.37
C ASN C 136 -27.58 -7.45 24.61
N LYS C 137 -28.74 -6.94 24.24
CA LYS C 137 -29.77 -7.71 23.58
C LYS C 137 -29.66 -7.81 22.07
N GLU C 138 -29.20 -6.78 21.36
CA GLU C 138 -29.24 -6.78 19.90
C GLU C 138 -27.95 -6.56 19.13
N ALA C 139 -26.85 -6.15 19.78
CA ALA C 139 -25.63 -5.92 19.00
C ALA C 139 -25.10 -7.17 18.31
N SER C 140 -25.40 -8.36 18.88
CA SER C 140 -24.95 -9.67 18.38
C SER C 140 -25.77 -10.19 17.18
N VAL C 141 -26.92 -9.57 16.89
CA VAL C 141 -27.80 -10.00 15.78
C VAL C 141 -27.06 -9.93 14.43
N LYS C 142 -26.52 -8.76 14.06
CA LYS C 142 -25.84 -8.57 12.79
C LYS C 142 -24.32 -8.49 12.89
N TYR C 143 -23.76 -8.43 14.11
CA TYR C 143 -22.32 -8.18 14.30
C TYR C 143 -21.56 -9.16 15.20
N LYS C 144 -22.16 -10.30 15.55
CA LYS C 144 -21.52 -11.32 16.41
C LYS C 144 -20.10 -11.67 15.96
N GLY C 145 -19.18 -11.69 16.91
CA GLY C 145 -17.77 -12.01 16.70
C GLY C 145 -16.92 -11.00 15.95
N ASP C 146 -17.49 -9.84 15.54
CA ASP C 146 -16.74 -8.80 14.81
C ASP C 146 -15.66 -8.07 15.66
N GLY C 147 -15.73 -8.25 16.99
CA GLY C 147 -14.81 -7.61 17.95
C GLY C 147 -14.82 -6.09 17.87
N TYR C 148 -15.91 -5.51 17.34
CA TYR C 148 -16.00 -4.07 17.09
C TYR C 148 -17.39 -3.57 17.43
N VAL C 149 -18.33 -3.59 16.48
CA VAL C 149 -19.70 -3.14 16.73
C VAL C 149 -20.36 -3.94 17.87
N SER C 150 -20.08 -5.27 17.97
CA SER C 150 -20.64 -6.14 18.99
C SER C 150 -19.88 -6.11 20.31
N ALA C 151 -18.70 -5.48 20.35
CA ALA C 151 -17.86 -5.43 21.54
C ALA C 151 -17.92 -4.06 22.24
N TYR C 152 -18.26 -3.01 21.51
CA TYR C 152 -18.25 -1.66 22.08
C TYR C 152 -19.58 -0.92 21.88
N PRO C 153 -20.25 -0.56 22.99
CA PRO C 153 -21.52 0.20 22.90
C PRO C 153 -21.40 1.50 22.07
N THR C 154 -20.23 2.21 22.11
CA THR C 154 -19.99 3.40 21.28
C THR C 154 -20.05 3.05 19.79
N GLU C 155 -19.52 1.87 19.41
CA GLU C 155 -19.48 1.45 18.00
C GLU C 155 -20.85 0.98 17.54
N TYR C 156 -21.60 0.31 18.42
CA TYR C 156 -22.96 -0.10 18.13
C TYR C 156 -23.85 1.14 17.96
N PHE C 157 -23.65 2.19 18.77
CA PHE C 157 -24.40 3.44 18.62
C PHE C 157 -24.11 4.03 17.23
N ALA C 158 -22.84 4.29 16.91
CA ALA C 158 -22.51 4.87 15.60
C ALA C 158 -23.06 4.06 14.41
N GLU C 159 -22.88 2.73 14.42
CA GLU C 159 -23.32 1.91 13.29
C GLU C 159 -24.85 1.76 13.21
N ALA C 160 -25.53 1.52 14.35
CA ALA C 160 -27.00 1.37 14.33
C ALA C 160 -27.70 2.67 13.98
N ALA C 161 -27.16 3.83 14.45
CA ALA C 161 -27.73 5.14 14.11
C ALA C 161 -27.49 5.41 12.59
N SER C 162 -26.36 4.92 12.03
CA SER C 162 -26.09 5.03 10.59
C SER C 162 -27.15 4.27 9.81
N LEU C 163 -27.46 3.02 10.23
CA LEU C 163 -28.51 2.20 9.57
C LEU C 163 -29.88 2.88 9.63
N TYR C 164 -30.20 3.54 10.76
CA TYR C 164 -31.48 4.23 10.91
C TYR C 164 -31.56 5.43 9.95
N LEU C 165 -30.48 6.24 9.88
CA LEU C 165 -30.47 7.47 9.09
C LEU C 165 -30.20 7.33 7.59
N TYR C 166 -29.44 6.31 7.18
CA TYR C 166 -28.92 6.25 5.81
C TYR C 166 -29.98 6.16 4.73
N SER C 167 -30.85 5.16 4.77
CA SER C 167 -31.84 5.04 3.69
C SER C 167 -33.06 4.31 4.18
N ASP C 168 -34.14 4.32 3.35
CA ASP C 168 -35.36 3.57 3.66
C ASP C 168 -35.00 2.07 3.81
N ALA C 169 -34.14 1.55 2.90
CA ALA C 169 -33.72 0.15 2.93
C ALA C 169 -32.99 -0.23 4.22
N THR C 170 -31.95 0.54 4.63
CA THR C 170 -31.21 0.24 5.88
C THR C 170 -32.09 0.41 7.11
N ARG C 171 -32.98 1.43 7.13
CA ARG C 171 -33.87 1.67 8.27
C ARG C 171 -34.91 0.52 8.40
N SER C 172 -35.41 0.01 7.26
CA SER C 172 -36.36 -1.10 7.22
C SER C 172 -35.74 -2.38 7.76
N ASP C 173 -34.52 -2.73 7.31
CA ASP C 173 -33.85 -3.92 7.84
C ASP C 173 -33.55 -3.76 9.34
N LEU C 174 -33.19 -2.53 9.79
CA LEU C 174 -32.94 -2.25 11.21
C LEU C 174 -34.20 -2.56 12.03
N LYS C 175 -35.38 -2.11 11.55
CA LYS C 175 -36.68 -2.36 12.20
C LYS C 175 -36.97 -3.85 12.30
N ASP C 176 -36.69 -4.61 11.23
CA ASP C 176 -36.95 -6.05 11.18
C ASP C 176 -36.02 -6.89 12.04
N SER C 177 -34.70 -6.64 11.99
CA SER C 177 -33.70 -7.44 12.72
C SER C 177 -33.32 -6.92 14.12
N MET C 178 -33.38 -5.59 14.36
CA MET C 178 -33.04 -5.03 15.69
C MET C 178 -34.17 -4.08 16.14
N PRO C 179 -35.36 -4.64 16.52
CA PRO C 179 -36.53 -3.77 16.83
C PRO C 179 -36.35 -2.78 17.99
N LEU C 180 -35.69 -3.19 19.09
CA LEU C 180 -35.47 -2.28 20.22
C LEU C 180 -34.54 -1.11 19.80
N THR C 181 -33.50 -1.42 18.99
CA THR C 181 -32.56 -0.41 18.46
C THR C 181 -33.31 0.57 17.57
N TYR C 182 -34.18 0.05 16.66
CA TYR C 182 -35.02 0.86 15.76
C TYR C 182 -35.87 1.85 16.58
N GLU C 183 -36.58 1.34 17.61
CA GLU C 183 -37.45 2.17 18.47
C GLU C 183 -36.62 3.27 19.13
N PHE C 184 -35.47 2.88 19.73
CA PHE C 184 -34.57 3.83 20.37
C PHE C 184 -34.10 4.92 19.40
N MET C 185 -33.70 4.52 18.17
CA MET C 185 -33.15 5.47 17.18
C MET C 185 -34.24 6.41 16.67
N ALA C 186 -35.46 5.86 16.44
CA ALA C 186 -36.62 6.63 15.99
C ALA C 186 -36.98 7.72 16.99
N LYS C 187 -36.97 7.41 18.30
CA LYS C 187 -37.26 8.38 19.36
C LYS C 187 -36.17 9.45 19.46
N LEU C 188 -34.90 9.04 19.32
CA LEU C 188 -33.74 9.92 19.40
C LEU C 188 -33.67 11.00 18.32
N PHE C 189 -33.97 10.65 17.06
CA PHE C 189 -33.85 11.59 15.94
C PHE C 189 -35.19 12.22 15.47
N ALA C 190 -36.28 12.03 16.23
CA ALA C 190 -37.59 12.61 15.92
C ALA C 190 -37.64 14.10 16.26
N GLN D 4 -9.25 -25.17 -33.96
CA GLN D 4 -9.17 -24.83 -32.53
C GLN D 4 -8.54 -23.44 -32.33
N SER D 5 -9.25 -22.52 -31.62
CA SER D 5 -8.78 -21.12 -31.42
C SER D 5 -7.42 -21.11 -30.75
N ILE D 6 -6.41 -20.51 -31.40
CA ILE D 6 -5.04 -20.43 -30.89
C ILE D 6 -4.95 -19.95 -29.41
N LEU D 7 -5.74 -18.93 -29.01
CA LEU D 7 -5.69 -18.44 -27.62
C LEU D 7 -6.17 -19.48 -26.59
N ASP D 8 -6.96 -20.48 -27.03
CA ASP D 8 -7.36 -21.56 -26.11
C ASP D 8 -6.17 -22.48 -25.73
N LYS D 9 -5.17 -22.55 -26.59
CA LYS D 9 -3.95 -23.36 -26.41
C LYS D 9 -2.81 -22.53 -25.79
N LEU D 10 -2.86 -21.20 -25.97
CA LEU D 10 -1.80 -20.29 -25.57
C LEU D 10 -2.00 -19.67 -24.18
N VAL D 11 -3.27 -19.37 -23.83
CA VAL D 11 -3.64 -18.70 -22.59
C VAL D 11 -3.84 -19.73 -21.45
N VAL D 12 -3.12 -19.52 -20.33
CA VAL D 12 -3.13 -20.34 -19.10
C VAL D 12 -3.73 -19.50 -17.97
N LEU D 13 -4.67 -20.10 -17.22
CA LEU D 13 -5.41 -19.43 -16.16
C LEU D 13 -4.77 -19.56 -14.78
N PRO D 14 -5.18 -18.73 -13.79
CA PRO D 14 -4.63 -18.90 -12.44
C PRO D 14 -5.00 -20.26 -11.86
N SER D 15 -4.20 -20.70 -10.90
CA SER D 15 -4.41 -22.01 -10.27
C SER D 15 -5.47 -22.02 -9.16
N GLY D 16 -5.83 -20.85 -8.60
CA GLY D 16 -6.83 -20.79 -7.53
C GLY D 16 -8.01 -19.92 -7.91
N GLU D 17 -8.48 -19.08 -6.97
CA GLU D 17 -9.56 -18.17 -7.29
C GLU D 17 -9.05 -16.99 -8.11
N TYR D 18 -9.91 -16.41 -8.94
CA TYR D 18 -9.54 -15.24 -9.76
C TYR D 18 -10.74 -14.48 -10.27
N ASN D 19 -10.49 -13.31 -10.86
CA ASN D 19 -11.56 -12.50 -11.43
C ASN D 19 -11.86 -13.06 -12.83
N HIS D 20 -12.86 -13.94 -12.94
CA HIS D 20 -13.26 -14.59 -14.20
C HIS D 20 -13.57 -13.59 -15.32
N SER D 21 -14.36 -12.55 -15.02
CA SER D 21 -14.80 -11.55 -16.00
C SER D 21 -13.60 -10.84 -16.60
N GLU D 22 -12.70 -10.39 -15.74
CA GLU D 22 -11.51 -9.68 -16.17
C GLU D 22 -10.55 -10.57 -16.98
N ALA D 23 -10.33 -11.83 -16.53
CA ALA D 23 -9.48 -12.77 -17.24
C ALA D 23 -10.01 -13.02 -18.68
N ALA D 24 -11.35 -13.20 -18.83
CA ALA D 24 -11.97 -13.36 -20.16
C ALA D 24 -11.78 -12.11 -21.03
N ALA D 25 -11.96 -10.89 -20.45
CA ALA D 25 -11.76 -9.63 -21.16
C ALA D 25 -10.29 -9.50 -21.65
N MET D 26 -9.32 -9.99 -20.85
CA MET D 26 -7.90 -9.95 -21.24
C MET D 26 -7.66 -10.91 -22.40
N LYS D 27 -8.27 -12.10 -22.33
CA LYS D 27 -8.13 -13.09 -23.40
C LYS D 27 -8.74 -12.55 -24.72
N GLN D 28 -9.86 -11.81 -24.64
CA GLN D 28 -10.51 -11.20 -25.81
C GLN D 28 -9.63 -10.10 -26.43
N ARG D 29 -9.00 -9.24 -25.60
CA ARG D 29 -8.11 -8.19 -26.08
C ARG D 29 -6.86 -8.76 -26.77
N LEU D 30 -6.44 -9.99 -26.38
CA LEU D 30 -5.27 -10.63 -27.02
C LEU D 30 -5.55 -11.00 -28.49
N GLU D 31 -6.85 -10.98 -28.92
CA GLU D 31 -7.21 -11.25 -30.32
C GLU D 31 -6.67 -10.15 -31.24
N LYS D 32 -6.24 -9.00 -30.64
CA LYS D 32 -5.65 -7.89 -31.39
C LYS D 32 -4.30 -8.29 -32.01
N ILE D 33 -3.62 -9.28 -31.42
CA ILE D 33 -2.34 -9.76 -31.97
C ILE D 33 -2.69 -10.68 -33.18
N PRO D 34 -2.05 -10.49 -34.37
CA PRO D 34 -2.37 -11.36 -35.52
C PRO D 34 -2.28 -12.84 -35.23
N THR D 35 -3.22 -13.63 -35.82
CA THR D 35 -3.25 -15.07 -35.58
C THR D 35 -1.92 -15.73 -35.95
N SER D 36 -1.27 -15.30 -37.07
CA SER D 36 0.01 -15.84 -37.52
C SER D 36 1.07 -15.70 -36.42
N ILE D 37 1.10 -14.54 -35.74
CA ILE D 37 2.01 -14.28 -34.62
C ILE D 37 1.64 -15.16 -33.41
N LEU D 38 0.35 -15.26 -33.09
CA LEU D 38 -0.08 -16.11 -31.97
C LEU D 38 0.33 -17.59 -32.21
N ASP D 39 0.10 -18.12 -33.43
CA ASP D 39 0.52 -19.46 -33.82
C ASP D 39 2.04 -19.66 -33.63
N ALA D 40 2.84 -18.64 -34.02
CA ALA D 40 4.30 -18.69 -33.90
C ALA D 40 4.73 -18.70 -32.44
N LEU D 41 4.06 -17.91 -31.58
CA LEU D 41 4.35 -17.91 -30.14
C LEU D 41 4.10 -19.31 -29.57
N TYR D 42 2.96 -19.90 -29.93
CA TYR D 42 2.62 -21.24 -29.47
C TYR D 42 3.67 -22.27 -29.91
N SER D 43 4.08 -22.24 -31.20
CA SER D 43 5.10 -23.18 -31.72
C SER D 43 6.45 -23.02 -30.98
N LYS D 44 6.76 -21.80 -30.48
CA LYS D 44 7.99 -21.56 -29.70
C LYS D 44 7.86 -22.04 -28.23
N GLY D 45 6.71 -22.57 -27.86
CA GLY D 45 6.48 -23.10 -26.52
C GLY D 45 6.12 -22.05 -25.50
N VAL D 46 5.73 -20.85 -25.97
CA VAL D 46 5.32 -19.77 -25.09
C VAL D 46 3.92 -20.02 -24.56
N LYS D 47 3.70 -19.61 -23.29
CA LYS D 47 2.40 -19.60 -22.65
C LYS D 47 2.14 -18.20 -22.12
N ILE D 48 0.91 -17.72 -22.31
CA ILE D 48 0.47 -16.44 -21.79
C ILE D 48 -0.27 -16.80 -20.52
N LYS D 49 0.36 -16.50 -19.38
CA LYS D 49 -0.18 -16.88 -18.09
C LYS D 49 -0.90 -15.71 -17.40
N LEU D 50 -2.22 -15.86 -17.18
CA LEU D 50 -3.02 -14.85 -16.49
C LEU D 50 -2.91 -15.23 -15.01
N THR D 51 -2.56 -14.28 -14.17
CA THR D 51 -2.39 -14.57 -12.74
C THR D 51 -3.08 -13.55 -11.84
N GLN D 52 -3.65 -14.01 -10.72
CA GLN D 52 -4.23 -13.08 -9.76
C GLN D 52 -3.18 -12.79 -8.63
N GLY D 53 -1.98 -13.37 -8.76
CA GLY D 53 -0.91 -13.25 -7.77
C GLY D 53 -1.39 -13.94 -6.50
N ALA D 54 -1.03 -13.42 -5.35
CA ALA D 54 -1.48 -13.94 -4.06
C ALA D 54 -1.64 -12.78 -3.08
N ILE D 55 -1.54 -13.02 -1.77
CA ILE D 55 -1.79 -11.98 -0.79
C ILE D 55 -0.47 -11.38 -0.32
N THR D 56 -0.28 -10.10 -0.57
CA THR D 56 0.94 -9.38 -0.19
C THR D 56 0.63 -8.33 0.89
N ASN D 57 1.67 -7.68 1.41
CA ASN D 57 1.55 -6.57 2.34
C ASN D 57 2.74 -5.69 2.03
N GLU D 58 2.73 -5.10 0.82
CA GLU D 58 3.82 -4.32 0.28
C GLU D 58 3.62 -2.81 0.35
N PRO D 59 4.72 -2.03 0.51
CA PRO D 59 4.60 -0.56 0.35
C PRO D 59 4.11 -0.28 -1.06
N GLU D 60 3.46 0.87 -1.27
CA GLU D 60 2.91 1.26 -2.55
C GLU D 60 3.88 1.08 -3.75
N LEU D 61 5.06 1.71 -3.68
CA LEU D 61 6.01 1.62 -4.80
C LEU D 61 6.43 0.20 -5.09
N ALA D 62 6.81 -0.58 -4.06
CA ALA D 62 7.21 -1.98 -4.25
C ALA D 62 6.05 -2.82 -4.85
N TYR D 63 4.80 -2.58 -4.39
CA TYR D 63 3.66 -3.29 -4.92
C TYR D 63 3.52 -3.05 -6.43
N LEU D 64 3.54 -1.78 -6.81
CA LEU D 64 3.41 -1.37 -8.20
C LEU D 64 4.55 -1.87 -9.07
N LYS D 65 5.80 -1.73 -8.57
CA LYS D 65 6.98 -2.18 -9.30
C LYS D 65 6.84 -3.66 -9.76
N GLY D 66 6.31 -4.50 -8.87
CA GLY D 66 6.12 -5.93 -9.13
C GLY D 66 4.93 -6.32 -10.00
N VAL D 67 4.12 -5.35 -10.48
CA VAL D 67 2.97 -5.65 -11.36
C VAL D 67 3.52 -6.22 -12.68
N VAL D 68 4.60 -5.60 -13.20
CA VAL D 68 5.24 -5.97 -14.46
C VAL D 68 6.75 -6.10 -14.29
N PRO D 69 7.40 -7.10 -14.96
CA PRO D 69 8.88 -7.21 -14.87
C PRO D 69 9.67 -6.02 -15.45
N GLU D 87 10.72 -17.53 -18.34
CA GLU D 87 11.28 -18.53 -19.25
C GLU D 87 10.17 -19.12 -20.15
N ARG D 88 9.84 -18.38 -21.24
CA ARG D 88 8.79 -18.71 -22.22
C ARG D 88 7.39 -18.65 -21.56
N VAL D 89 7.28 -17.93 -20.45
CA VAL D 89 6.03 -17.69 -19.73
C VAL D 89 5.84 -16.17 -19.64
N VAL D 90 4.79 -15.67 -20.30
CA VAL D 90 4.41 -14.26 -20.29
C VAL D 90 3.39 -14.14 -19.12
N ALA D 91 3.80 -13.61 -17.96
CA ALA D 91 2.93 -13.50 -16.79
C ALA D 91 2.20 -12.17 -16.77
N VAL D 92 0.84 -12.20 -16.79
CA VAL D 92 0.04 -10.95 -16.81
C VAL D 92 -0.89 -10.89 -15.60
N ARG D 93 -0.73 -9.83 -14.78
CA ARG D 93 -1.53 -9.66 -13.57
C ARG D 93 -2.94 -9.22 -13.89
N ILE D 94 -3.93 -10.05 -13.51
CA ILE D 94 -5.34 -9.75 -13.74
C ILE D 94 -5.77 -8.47 -13.00
N GLY D 95 -6.44 -7.58 -13.72
CA GLY D 95 -6.96 -6.32 -13.21
C GLY D 95 -6.06 -5.13 -13.53
N TYR D 96 -4.85 -5.39 -14.07
CA TYR D 96 -3.86 -4.35 -14.34
C TYR D 96 -3.70 -4.03 -15.83
N SER D 97 -4.69 -4.41 -16.66
CA SER D 97 -4.61 -4.16 -18.10
C SER D 97 -4.51 -2.70 -18.50
N GLU D 98 -5.35 -1.84 -17.90
CA GLU D 98 -5.46 -0.44 -18.36
C GLU D 98 -4.25 0.43 -18.03
N LYS D 99 -4.01 1.43 -18.90
CA LYS D 99 -2.99 2.45 -18.73
C LYS D 99 -3.16 3.09 -17.32
N GLY D 100 -2.06 3.18 -16.59
CA GLY D 100 -2.07 3.74 -15.24
C GLY D 100 -2.06 2.71 -14.13
N LYS D 101 -2.25 1.41 -14.47
CA LYS D 101 -2.28 0.34 -13.46
C LYS D 101 -0.90 -0.26 -13.20
N GLY D 102 0.03 0.58 -12.76
CA GLY D 102 1.40 0.17 -12.52
C GLY D 102 2.23 0.12 -13.79
N HIS D 103 1.68 0.68 -14.89
CA HIS D 103 2.34 0.77 -16.19
C HIS D 103 1.68 1.92 -16.92
N ASN D 104 2.31 2.37 -17.99
CA ASN D 104 1.81 3.46 -18.80
C ASN D 104 1.54 3.02 -20.27
N SER D 105 1.30 1.71 -20.50
CA SER D 105 1.02 1.21 -21.85
C SER D 105 -0.46 1.21 -22.10
N LEU D 106 -0.88 1.11 -23.38
CA LEU D 106 -2.30 1.04 -23.72
C LEU D 106 -2.94 -0.21 -23.13
N ASN D 107 -2.18 -1.33 -23.11
CA ASN D 107 -2.74 -2.60 -22.64
C ASN D 107 -1.61 -3.50 -22.14
N LEU D 108 -1.70 -3.95 -20.87
CA LEU D 108 -0.64 -4.76 -20.26
C LEU D 108 -0.38 -6.13 -20.94
N GLU D 109 -1.44 -6.91 -21.19
CA GLU D 109 -1.30 -8.25 -21.80
C GLU D 109 -0.71 -8.17 -23.23
N ILE D 110 -1.13 -7.18 -24.02
CA ILE D 110 -0.57 -7.00 -25.36
C ILE D 110 0.91 -6.56 -25.25
N HIS D 111 1.21 -5.58 -24.38
CA HIS D 111 2.59 -5.08 -24.19
C HIS D 111 3.53 -6.22 -23.83
N GLU D 112 3.20 -6.99 -22.77
CA GLU D 112 4.02 -8.10 -22.33
C GLU D 112 4.13 -9.20 -23.37
N THR D 113 3.03 -9.51 -24.09
CA THR D 113 3.10 -10.54 -25.14
C THR D 113 4.06 -10.08 -26.26
N LEU D 114 4.04 -8.77 -26.57
CA LEU D 114 4.91 -8.22 -27.64
C LEU D 114 6.40 -8.36 -27.31
N HIS D 115 6.79 -8.35 -26.02
CA HIS D 115 8.18 -8.61 -25.64
C HIS D 115 8.60 -10.03 -26.07
N ALA D 116 7.72 -11.02 -25.85
CA ALA D 116 8.00 -12.41 -26.23
C ALA D 116 8.02 -12.54 -27.74
N VAL D 117 7.14 -11.79 -28.45
CA VAL D 117 7.07 -11.78 -29.91
C VAL D 117 8.41 -11.28 -30.43
N ASP D 118 8.87 -10.12 -29.92
CA ASP D 118 10.17 -9.53 -30.29
C ASP D 118 11.30 -10.59 -30.14
N ARG D 119 11.45 -11.15 -28.94
CA ARG D 119 12.51 -12.11 -28.57
C ARG D 119 12.44 -13.48 -29.29
N LEU D 120 11.31 -14.18 -29.23
CA LEU D 120 11.17 -15.54 -29.72
C LEU D 120 10.51 -15.76 -31.07
N VAL D 121 9.71 -14.80 -31.57
CA VAL D 121 9.05 -14.97 -32.88
C VAL D 121 9.77 -14.20 -33.96
N LEU D 122 10.20 -12.98 -33.64
CA LEU D 122 10.82 -12.09 -34.62
C LEU D 122 12.35 -12.05 -34.49
N ASN D 123 12.92 -13.04 -33.76
CA ASN D 123 14.37 -13.20 -33.63
C ASN D 123 15.09 -11.94 -33.13
N GLU D 124 14.66 -11.40 -31.95
CA GLU D 124 15.22 -10.20 -31.28
C GLU D 124 15.31 -9.00 -32.23
N VAL D 125 14.21 -8.75 -32.92
CA VAL D 125 14.16 -7.69 -33.93
C VAL D 125 14.49 -6.27 -33.37
N SER D 126 14.13 -5.98 -32.10
CA SER D 126 14.38 -4.67 -31.49
C SER D 126 15.87 -4.37 -31.34
N GLY D 127 16.69 -5.42 -31.45
CA GLY D 127 18.14 -5.30 -31.42
C GLY D 127 18.81 -5.24 -32.79
N THR D 128 18.02 -5.23 -33.90
CA THR D 128 18.62 -5.16 -35.24
C THR D 128 19.09 -3.73 -35.55
N ASP D 129 20.12 -3.55 -36.41
CA ASP D 129 20.65 -2.23 -36.84
C ASP D 129 19.50 -1.37 -37.38
N GLU D 130 18.57 -2.01 -38.11
CA GLU D 130 17.44 -1.32 -38.73
C GLU D 130 16.48 -0.79 -37.69
N PHE D 131 16.12 -1.62 -36.70
CA PHE D 131 15.22 -1.13 -35.66
C PHE D 131 15.90 -0.07 -34.81
N ILE D 132 17.21 -0.22 -34.55
CA ILE D 132 18.00 0.75 -33.79
C ILE D 132 17.99 2.10 -34.52
N ASN D 133 18.08 2.10 -35.89
CA ASN D 133 17.97 3.32 -36.71
C ASN D 133 16.64 4.00 -36.41
N ILE D 134 15.54 3.24 -36.50
CA ILE D 134 14.19 3.73 -36.24
C ILE D 134 14.01 4.31 -34.83
N PHE D 135 14.44 3.55 -33.80
CA PHE D 135 14.39 3.90 -32.39
C PHE D 135 15.08 5.27 -32.17
N ASN D 136 16.31 5.43 -32.68
CA ASN D 136 17.06 6.67 -32.53
C ASN D 136 16.42 7.88 -33.23
N LYS D 137 15.69 7.64 -34.32
CA LYS D 137 15.05 8.74 -35.04
C LYS D 137 13.63 9.09 -34.57
N GLU D 138 12.88 8.09 -34.11
CA GLU D 138 11.47 8.34 -33.86
C GLU D 138 10.98 8.18 -32.44
N ALA D 139 11.75 7.55 -31.52
CA ALA D 139 11.31 7.45 -30.14
C ALA D 139 11.15 8.84 -29.48
N SER D 140 11.90 9.86 -29.95
CA SER D 140 11.79 11.23 -29.41
C SER D 140 10.42 11.89 -29.69
N VAL D 141 9.73 11.45 -30.77
CA VAL D 141 8.45 12.04 -31.21
C VAL D 141 7.42 12.10 -30.05
N LYS D 142 7.25 11.00 -29.32
CA LYS D 142 6.30 10.91 -28.20
C LYS D 142 6.97 10.82 -26.83
N TYR D 143 8.20 10.27 -26.78
CA TYR D 143 8.85 9.90 -25.54
C TYR D 143 10.13 10.66 -25.19
N LYS D 144 10.52 11.70 -25.94
CA LYS D 144 11.73 12.48 -25.65
C LYS D 144 11.86 12.80 -24.14
N GLY D 145 13.06 12.54 -23.60
CA GLY D 145 13.40 12.78 -22.19
C GLY D 145 12.63 11.99 -21.16
N ASP D 146 11.94 10.88 -21.52
CA ASP D 146 11.16 10.10 -20.56
C ASP D 146 12.02 9.13 -19.72
N GLY D 147 13.29 8.98 -20.08
CA GLY D 147 14.21 8.10 -19.36
C GLY D 147 13.91 6.61 -19.44
N TYR D 148 12.97 6.18 -20.33
CA TYR D 148 12.57 4.77 -20.41
C TYR D 148 12.32 4.28 -21.84
N VAL D 149 11.13 4.58 -22.41
CA VAL D 149 10.75 4.20 -23.78
C VAL D 149 11.76 4.79 -24.79
N SER D 150 12.28 6.02 -24.54
CA SER D 150 13.27 6.65 -25.43
C SER D 150 14.70 6.16 -25.10
N ALA D 151 14.85 5.31 -24.06
CA ALA D 151 16.16 4.81 -23.66
C ALA D 151 16.38 3.34 -24.01
N TYR D 152 15.31 2.57 -24.10
CA TYR D 152 15.41 1.14 -24.33
C TYR D 152 14.67 0.70 -25.58
N PRO D 153 15.40 0.22 -26.62
CA PRO D 153 14.74 -0.20 -27.89
C PRO D 153 13.66 -1.27 -27.70
N THR D 154 13.86 -2.23 -26.72
CA THR D 154 12.89 -3.29 -26.44
C THR D 154 11.58 -2.64 -25.98
N GLU D 155 11.69 -1.51 -25.24
CA GLU D 155 10.52 -0.79 -24.76
C GLU D 155 9.84 -0.01 -25.87
N TYR D 156 10.62 0.64 -26.75
CA TYR D 156 10.03 1.37 -27.88
C TYR D 156 9.33 0.37 -28.81
N PHE D 157 9.93 -0.82 -29.00
CA PHE D 157 9.31 -1.86 -29.84
C PHE D 157 7.92 -2.23 -29.30
N ALA D 158 7.83 -2.60 -27.99
CA ALA D 158 6.57 -3.05 -27.40
C ALA D 158 5.53 -1.94 -27.42
N GLU D 159 5.93 -0.68 -27.17
CA GLU D 159 4.97 0.44 -27.20
C GLU D 159 4.51 0.76 -28.62
N ALA D 160 5.45 0.89 -29.58
CA ALA D 160 5.05 1.20 -30.95
C ALA D 160 4.23 0.05 -31.59
N ALA D 161 4.58 -1.23 -31.33
CA ALA D 161 3.81 -2.37 -31.86
C ALA D 161 2.40 -2.35 -31.27
N SER D 162 2.28 -1.94 -29.97
CA SER D 162 0.98 -1.79 -29.31
C SER D 162 0.13 -0.74 -30.02
N LEU D 163 0.72 0.44 -30.37
CA LEU D 163 -0.05 1.48 -31.10
C LEU D 163 -0.56 0.93 -32.45
N TYR D 164 0.30 0.19 -33.18
CA TYR D 164 -0.08 -0.38 -34.47
C TYR D 164 -1.28 -1.35 -34.32
N LEU D 165 -1.25 -2.20 -33.28
CA LEU D 165 -2.26 -3.25 -33.09
C LEU D 165 -3.51 -2.92 -32.26
N TYR D 166 -3.43 -1.98 -31.31
CA TYR D 166 -4.51 -1.69 -30.38
C TYR D 166 -5.85 -1.27 -31.02
N SER D 167 -5.85 -0.25 -31.87
CA SER D 167 -7.06 0.26 -32.52
C SER D 167 -6.72 0.95 -33.82
N ASP D 168 -7.76 1.25 -34.64
CA ASP D 168 -7.59 1.99 -35.88
C ASP D 168 -6.98 3.37 -35.56
N ALA D 169 -7.47 4.01 -34.48
CA ALA D 169 -7.01 5.33 -34.03
C ALA D 169 -5.54 5.37 -33.60
N THR D 170 -5.08 4.39 -32.80
CA THR D 170 -3.67 4.40 -32.38
C THR D 170 -2.75 4.05 -33.54
N ARG D 171 -3.20 3.18 -34.48
CA ARG D 171 -2.41 2.82 -35.67
C ARG D 171 -2.26 4.08 -36.52
N SER D 172 -3.34 4.86 -36.65
CA SER D 172 -3.36 6.12 -37.41
C SER D 172 -2.39 7.16 -36.76
N ASP D 173 -2.39 7.26 -35.42
CA ASP D 173 -1.45 8.15 -34.70
C ASP D 173 0.01 7.70 -34.92
N LEU D 174 0.25 6.38 -35.04
CA LEU D 174 1.60 5.84 -35.29
C LEU D 174 2.08 6.26 -36.66
N LYS D 175 1.22 6.03 -37.68
CA LYS D 175 1.51 6.37 -39.08
C LYS D 175 1.78 7.87 -39.23
N ASP D 176 0.93 8.72 -38.62
CA ASP D 176 1.05 10.18 -38.72
C ASP D 176 2.40 10.74 -38.27
N SER D 177 2.86 10.29 -37.09
CA SER D 177 4.01 10.87 -36.40
C SER D 177 5.29 10.09 -36.46
N MET D 178 5.19 8.77 -36.61
CA MET D 178 6.36 7.88 -36.64
C MET D 178 6.31 7.00 -37.91
N PRO D 179 6.46 7.62 -39.11
CA PRO D 179 6.33 6.84 -40.37
C PRO D 179 7.32 5.70 -40.55
N LEU D 180 8.57 5.86 -40.10
CA LEU D 180 9.57 4.77 -40.22
C LEU D 180 9.13 3.62 -39.37
N THR D 181 8.62 3.92 -38.16
CA THR D 181 8.12 2.91 -37.24
C THR D 181 6.89 2.22 -37.80
N TYR D 182 5.95 3.01 -38.32
CA TYR D 182 4.73 2.47 -38.92
C TYR D 182 5.06 1.46 -40.04
N GLU D 183 5.96 1.85 -40.97
CA GLU D 183 6.37 1.01 -42.10
C GLU D 183 7.00 -0.33 -41.61
N PHE D 184 7.80 -0.25 -40.54
CA PHE D 184 8.44 -1.41 -39.93
C PHE D 184 7.38 -2.32 -39.31
N MET D 185 6.44 -1.75 -38.54
CA MET D 185 5.38 -2.54 -37.88
C MET D 185 4.41 -3.20 -38.90
N ALA D 186 4.01 -2.45 -39.93
CA ALA D 186 3.10 -2.96 -40.98
C ALA D 186 3.70 -4.18 -41.68
N LYS D 187 5.03 -4.15 -41.97
CA LYS D 187 5.71 -5.28 -42.62
C LYS D 187 5.78 -6.50 -41.71
N LEU D 188 5.97 -6.28 -40.40
CA LEU D 188 6.04 -7.39 -39.42
C LEU D 188 4.65 -8.00 -39.14
N PHE D 189 3.59 -7.15 -39.10
CA PHE D 189 2.25 -7.59 -38.71
C PHE D 189 1.20 -7.55 -39.82
#